data_6QRO
#
_entry.id   6QRO
#
_cell.length_a   56.070
_cell.length_b   79.240
_cell.length_c   83.080
_cell.angle_alpha   89.940
_cell.angle_beta   90.000
_cell.angle_gamma   71.940
#
_symmetry.space_group_name_H-M   'P 1'
#
loop_
_entity.id
_entity.type
_entity.pdbx_description
1 polymer 'Glutamine cyclotransferase'
2 non-polymer 'ZINC ION'
3 non-polymer 'SULFATE ION'
4 water water
#
_entity_poly.entity_id   1
_entity_poly.type   'polypeptide(L)'
_entity_poly.pdbx_seq_one_letter_code
;GSHMGQKNTTKEETTEPADTDKRIEAPTFNADSAYAYIERQVAFGPRVPNTEAHQRCADYLAGELDRHGAKVYVQEAVLT
AYNGEKLKAQNIVGAFQPEKSRRVLLFAHWDSRPYADHDTDEANHRKPIDGADDGGSGVGILLEIARQIQAKAPAIGIDI
VFFDAEDYGTPEFVDEYKPDTWCLGSQFWAKNPHVPNYKAEFGILLDMVGSRGATFYKESTSVQYAARYVEKVWTAAREL
GYGKYFINAQGGAIVDDHQYVIQGLRTPCLDIINYDPDTQSGFGPYWHTQNDTMENIDRETLKAVGETILNVIYNEK
;
_entity_poly.pdbx_strand_id   A,B,C,D
#
# COMPACT_ATOMS: atom_id res chain seq x y z
N PRO A 27 7.75 3.38 -33.61
CA PRO A 27 7.82 2.28 -32.65
C PRO A 27 6.47 1.61 -32.50
N THR A 28 6.39 0.64 -31.60
CA THR A 28 5.16 -0.13 -31.41
C THR A 28 4.37 0.47 -30.25
N PHE A 29 3.08 0.72 -30.50
CA PHE A 29 2.17 1.14 -29.45
C PHE A 29 1.58 -0.09 -28.79
N ASN A 30 1.70 -0.21 -27.47
CA ASN A 30 1.10 -1.33 -26.75
C ASN A 30 -0.31 -0.95 -26.31
N ALA A 31 -1.31 -1.37 -27.09
CA ALA A 31 -2.71 -1.14 -26.74
C ALA A 31 -3.11 -1.90 -25.47
N ASP A 32 -2.52 -3.08 -25.25
CA ASP A 32 -2.78 -3.84 -24.03
C ASP A 32 -2.27 -3.11 -22.78
N SER A 33 -1.12 -2.44 -22.86
CA SER A 33 -0.63 -1.69 -21.70
C SER A 33 -1.49 -0.46 -21.44
N ALA A 34 -1.78 0.31 -22.50
CA ALA A 34 -2.67 1.46 -22.34
C ALA A 34 -3.99 1.03 -21.75
N TYR A 35 -4.45 -0.18 -22.11
CA TYR A 35 -5.66 -0.76 -21.53
C TYR A 35 -5.50 -0.95 -20.02
N ALA A 36 -4.36 -1.49 -19.58
CA ALA A 36 -4.15 -1.69 -18.15
C ALA A 36 -4.05 -0.36 -17.39
N TYR A 37 -3.47 0.68 -18.00
CA TYR A 37 -3.39 1.99 -17.38
C TYR A 37 -4.79 2.61 -17.19
N ILE A 38 -5.68 2.44 -18.19
CA ILE A 38 -7.07 2.83 -18.02
C ILE A 38 -7.71 2.07 -16.87
N GLU A 39 -7.51 0.73 -16.85
CA GLU A 39 -8.09 -0.11 -15.80
C GLU A 39 -7.56 0.29 -14.44
N ARG A 40 -6.30 0.70 -14.36
CA ARG A 40 -5.71 1.06 -13.09
C ARG A 40 -6.35 2.31 -12.52
N GLN A 41 -6.54 3.33 -13.38
CA GLN A 41 -7.21 4.56 -12.95
C GLN A 41 -8.61 4.28 -12.44
N VAL A 42 -9.45 3.65 -13.30
CA VAL A 42 -10.84 3.36 -12.96
C VAL A 42 -10.91 2.47 -11.73
N ALA A 43 -9.89 1.63 -11.50
CA ALA A 43 -9.89 0.73 -10.35
C ALA A 43 -9.80 1.47 -9.03
N PHE A 44 -9.36 2.73 -9.05
CA PHE A 44 -9.38 3.56 -7.85
C PHE A 44 -10.80 3.91 -7.40
N GLY A 45 -11.80 3.76 -8.27
CA GLY A 45 -13.05 4.43 -8.06
C GLY A 45 -13.04 5.73 -8.85
N PRO A 46 -14.21 6.38 -8.93
CA PRO A 46 -14.32 7.59 -9.77
C PRO A 46 -13.29 8.63 -9.35
N ARG A 47 -12.69 9.26 -10.34
CA ARG A 47 -11.72 10.33 -10.08
C ARG A 47 -12.46 11.67 -9.95
N VAL A 48 -13.28 11.76 -8.90
CA VAL A 48 -14.03 12.99 -8.60
C VAL A 48 -13.15 13.92 -7.77
N PRO A 49 -12.98 15.18 -8.17
CA PRO A 49 -12.20 16.12 -7.35
C PRO A 49 -12.71 16.20 -5.91
N ASN A 50 -11.76 16.21 -4.97
CA ASN A 50 -11.99 16.24 -3.51
C ASN A 50 -12.36 14.88 -2.93
N THR A 51 -12.08 13.78 -3.62
CA THR A 51 -12.24 12.45 -3.03
C THR A 51 -10.87 11.82 -2.86
N GLU A 52 -10.81 10.79 -2.01
CA GLU A 52 -9.54 10.09 -1.81
C GLU A 52 -9.12 9.32 -3.08
N ALA A 53 -10.08 8.72 -3.80
CA ALA A 53 -9.78 8.03 -5.05
C ALA A 53 -9.09 8.96 -6.05
N HIS A 54 -9.56 10.20 -6.12
CA HIS A 54 -8.92 11.23 -6.92
C HIS A 54 -7.48 11.47 -6.47
N GLN A 55 -7.26 11.56 -5.15
CA GLN A 55 -5.91 11.81 -4.64
C GLN A 55 -4.96 10.65 -4.91
N ARG A 56 -5.41 9.42 -4.63
CA ARG A 56 -4.57 8.26 -4.95
C ARG A 56 -4.24 8.19 -6.43
N CYS A 57 -5.21 8.55 -7.28
CA CYS A 57 -4.99 8.51 -8.71
C CYS A 57 -4.02 9.61 -9.15
N ALA A 58 -4.11 10.80 -8.54
CA ALA A 58 -3.13 11.85 -8.81
C ALA A 58 -1.69 11.38 -8.56
N ASP A 59 -1.44 10.73 -7.42
CA ASP A 59 -0.11 10.16 -7.18
C ASP A 59 0.23 9.16 -8.25
N TYR A 60 -0.72 8.31 -8.62
CA TYR A 60 -0.45 7.25 -9.57
C TYR A 60 -0.06 7.82 -10.93
N LEU A 61 -0.82 8.80 -11.41
CA LEU A 61 -0.54 9.37 -12.73
C LEU A 61 0.81 10.08 -12.78
N ALA A 62 1.08 10.96 -11.80
CA ALA A 62 2.36 11.65 -11.76
C ALA A 62 3.54 10.69 -11.56
N GLY A 63 3.35 9.69 -10.70
CA GLY A 63 4.41 8.72 -10.48
C GLY A 63 4.80 8.00 -11.74
N GLU A 64 3.81 7.58 -12.55
CA GLU A 64 4.08 6.89 -13.80
C GLU A 64 4.81 7.78 -14.78
N LEU A 65 4.45 9.07 -14.84
CA LEU A 65 5.15 9.99 -15.73
C LEU A 65 6.61 10.08 -15.35
N ASP A 66 6.89 10.16 -14.05
CA ASP A 66 8.25 10.25 -13.57
C ASP A 66 9.03 8.96 -13.83
N ARG A 67 8.38 7.80 -13.66
CA ARG A 67 9.04 6.53 -13.96
C ARG A 67 9.56 6.48 -15.39
N HIS A 68 8.92 7.19 -16.31
CA HIS A 68 9.29 7.13 -17.71
C HIS A 68 10.00 8.39 -18.18
N GLY A 69 10.73 9.05 -17.27
CA GLY A 69 11.71 10.03 -17.65
C GLY A 69 11.26 11.48 -17.68
N ALA A 70 10.00 11.76 -17.41
CA ALA A 70 9.53 13.13 -17.42
C ALA A 70 10.02 13.87 -16.18
N LYS A 71 10.24 15.17 -16.34
CA LYS A 71 10.31 16.08 -15.20
C LYS A 71 8.87 16.52 -14.90
N VAL A 72 8.37 16.18 -13.71
CA VAL A 72 6.94 16.27 -13.41
C VAL A 72 6.64 17.55 -12.64
N TYR A 73 5.60 18.26 -13.08
CA TYR A 73 5.06 19.45 -12.42
C TYR A 73 3.63 19.17 -12.01
N VAL A 74 3.30 19.49 -10.77
CA VAL A 74 1.93 19.36 -10.27
C VAL A 74 1.43 20.75 -9.87
N GLN A 75 0.48 21.30 -10.63
CA GLN A 75 -0.20 22.54 -10.27
C GLN A 75 -1.35 22.20 -9.34
N GLU A 76 -1.24 22.67 -8.09
CA GLU A 76 -2.31 22.54 -7.12
C GLU A 76 -3.14 23.83 -7.18
N ALA A 77 -4.40 23.71 -7.53
CA ALA A 77 -5.22 24.91 -7.61
C ALA A 77 -6.58 24.64 -7.00
N VAL A 78 -7.07 25.63 -6.25
CA VAL A 78 -8.39 25.57 -5.66
C VAL A 78 -9.30 26.25 -6.68
N LEU A 79 -10.10 25.45 -7.38
CA LEU A 79 -10.96 25.94 -8.44
C LEU A 79 -12.40 25.88 -7.98
N THR A 80 -13.22 26.77 -8.51
CA THR A 80 -14.61 26.93 -8.08
C THR A 80 -15.52 26.31 -9.12
N ALA A 81 -16.28 25.29 -8.71
CA ALA A 81 -17.23 24.64 -9.58
C ALA A 81 -18.46 25.54 -9.79
N TYR A 82 -19.33 25.09 -10.69
CA TYR A 82 -20.55 25.81 -11.04
C TYR A 82 -21.40 26.13 -9.80
N ASN A 83 -21.32 25.30 -8.78
CA ASN A 83 -22.12 25.44 -7.58
C ASN A 83 -21.39 26.21 -6.48
N GLY A 84 -20.22 26.79 -6.78
CA GLY A 84 -19.43 27.50 -5.80
C GLY A 84 -18.52 26.63 -4.96
N GLU A 85 -18.59 25.30 -5.09
CA GLU A 85 -17.69 24.40 -4.38
C GLU A 85 -16.24 24.61 -4.80
N LYS A 86 -15.33 24.63 -3.83
CA LYS A 86 -13.91 24.78 -4.09
C LYS A 86 -13.28 23.42 -4.38
N LEU A 87 -12.73 23.25 -5.59
CA LEU A 87 -12.16 21.98 -6.02
C LEU A 87 -10.65 22.02 -5.86
N LYS A 88 -10.12 21.05 -5.12
CA LYS A 88 -8.68 20.90 -4.89
C LYS A 88 -8.13 20.08 -6.05
N ALA A 89 -7.73 20.78 -7.10
CA ALA A 89 -7.32 20.20 -8.37
C ALA A 89 -5.81 20.02 -8.45
N GLN A 90 -5.39 19.02 -9.25
CA GLN A 90 -3.99 18.78 -9.61
C GLN A 90 -3.93 18.70 -11.13
N ASN A 91 -3.33 19.71 -11.77
CA ASN A 91 -2.90 19.59 -13.16
C ASN A 91 -1.54 18.92 -13.20
N ILE A 92 -1.43 17.80 -13.93
CA ILE A 92 -0.24 16.96 -13.92
C ILE A 92 0.48 17.11 -15.26
N VAL A 93 1.71 17.62 -15.22
CA VAL A 93 2.50 17.88 -16.41
C VAL A 93 3.74 16.99 -16.38
N GLY A 94 3.92 16.21 -17.42
CA GLY A 94 5.14 15.46 -17.58
C GLY A 94 5.85 16.06 -18.76
N ALA A 95 6.99 16.67 -18.49
CA ALA A 95 7.78 17.34 -19.52
C ALA A 95 8.94 16.41 -19.86
N PHE A 96 8.99 15.98 -21.12
CA PHE A 96 9.99 15.03 -21.56
C PHE A 96 11.07 15.76 -22.33
N GLN A 97 12.32 15.43 -22.02
CA GLN A 97 13.49 16.15 -22.50
C GLN A 97 13.24 17.65 -22.32
N PRO A 98 13.05 18.12 -21.09
CA PRO A 98 12.64 19.52 -20.87
C PRO A 98 13.65 20.56 -21.36
N GLU A 99 14.88 20.16 -21.72
CA GLU A 99 15.79 21.13 -22.31
C GLU A 99 15.50 21.38 -23.78
N LYS A 100 14.78 20.48 -24.45
CA LYS A 100 14.45 20.69 -25.87
C LYS A 100 13.48 21.85 -25.99
N SER A 101 13.81 22.85 -26.81
CA SER A 101 12.93 24.01 -26.96
C SER A 101 11.80 23.79 -27.97
N ARG A 102 11.93 22.86 -28.90
CA ARG A 102 10.85 22.54 -29.84
C ARG A 102 9.99 21.44 -29.24
N ARG A 103 8.72 21.77 -28.94
CA ARG A 103 7.89 20.91 -28.12
C ARG A 103 6.50 20.75 -28.71
N VAL A 104 5.89 19.60 -28.44
CA VAL A 104 4.50 19.31 -28.77
C VAL A 104 3.74 18.98 -27.49
N LEU A 105 2.53 19.54 -27.37
CA LEU A 105 1.65 19.31 -26.24
C LEU A 105 0.70 18.15 -26.52
N LEU A 106 0.68 17.16 -25.62
CA LEU A 106 -0.28 16.07 -25.66
C LEU A 106 -1.06 16.14 -24.37
N PHE A 107 -2.38 16.22 -24.47
CA PHE A 107 -3.16 16.42 -23.25
C PHE A 107 -4.47 15.66 -23.27
N ALA A 108 -5.03 15.49 -22.07
CA ALA A 108 -6.29 14.80 -21.82
C ALA A 108 -6.71 15.16 -20.40
N HIS A 109 -8.00 15.01 -20.14
CA HIS A 109 -8.50 15.21 -18.79
C HIS A 109 -8.56 13.88 -18.05
N TRP A 110 -8.30 13.95 -16.73
CA TRP A 110 -8.20 12.74 -15.94
C TRP A 110 -9.24 12.63 -14.84
N ASP A 111 -9.96 13.70 -14.51
CA ASP A 111 -11.02 13.61 -13.51
C ASP A 111 -12.24 12.87 -14.07
N SER A 112 -13.07 12.38 -13.16
CA SER A 112 -14.35 11.78 -13.50
C SER A 112 -15.49 12.68 -13.04
N ARG A 113 -16.53 12.74 -13.86
CA ARG A 113 -17.68 13.59 -13.58
C ARG A 113 -18.38 13.18 -12.30
N PRO A 114 -18.75 14.15 -11.45
CA PRO A 114 -19.50 13.81 -10.24
C PRO A 114 -20.95 13.42 -10.48
N TYR A 115 -21.48 13.54 -11.70
CA TYR A 115 -22.89 13.27 -11.96
C TYR A 115 -23.08 12.33 -13.13
N ALA A 116 -23.83 11.27 -12.92
CA ALA A 116 -24.30 10.47 -14.05
C ALA A 116 -25.58 11.09 -14.60
N ASP A 117 -25.45 12.37 -14.95
CA ASP A 117 -26.64 13.20 -15.10
C ASP A 117 -27.42 12.90 -16.37
N HIS A 118 -26.90 12.05 -17.26
CA HIS A 118 -27.61 11.52 -18.41
C HIS A 118 -28.04 10.08 -18.22
N ASP A 119 -27.92 9.54 -17.01
CA ASP A 119 -28.29 8.15 -16.79
C ASP A 119 -29.78 7.93 -17.08
N THR A 120 -30.12 6.73 -17.56
CA THR A 120 -31.53 6.41 -17.77
C THR A 120 -32.26 6.31 -16.43
N ASP A 121 -31.52 6.02 -15.36
CA ASP A 121 -32.05 5.95 -14.01
C ASP A 121 -31.81 7.30 -13.35
N GLU A 122 -32.89 8.03 -13.04
CA GLU A 122 -32.71 9.30 -12.36
C GLU A 122 -32.07 9.13 -10.99
N ALA A 123 -32.18 7.94 -10.39
CA ALA A 123 -31.50 7.66 -9.12
C ALA A 123 -29.98 7.80 -9.21
N ASN A 124 -29.41 7.78 -10.40
CA ASN A 124 -27.96 7.92 -10.57
C ASN A 124 -27.54 9.33 -10.94
N HIS A 125 -28.48 10.27 -11.13
CA HIS A 125 -28.15 11.56 -11.72
C HIS A 125 -27.20 12.39 -10.86
N ARG A 126 -27.16 12.18 -9.55
CA ARG A 126 -26.24 12.95 -8.71
C ARG A 126 -25.11 12.10 -8.15
N LYS A 127 -24.90 10.89 -8.71
CA LYS A 127 -23.86 9.95 -8.36
C LYS A 127 -22.78 9.87 -9.45
N PRO A 128 -21.51 9.78 -9.05
CA PRO A 128 -20.42 9.85 -10.03
C PRO A 128 -20.35 8.66 -10.98
N ILE A 129 -19.61 8.87 -12.07
CA ILE A 129 -19.33 7.85 -13.08
C ILE A 129 -17.86 7.41 -12.97
N ASP A 130 -17.59 6.17 -13.40
CA ASP A 130 -16.20 5.69 -13.47
C ASP A 130 -15.38 6.49 -14.45
N GLY A 131 -16.02 6.98 -15.51
CA GLY A 131 -15.30 7.73 -16.52
C GLY A 131 -14.18 6.94 -17.15
N ALA A 132 -14.45 5.67 -17.48
CA ALA A 132 -13.44 4.84 -18.13
C ALA A 132 -13.07 5.41 -19.49
N ASP A 133 -14.06 5.72 -20.31
CA ASP A 133 -13.75 6.34 -21.59
C ASP A 133 -13.64 7.85 -21.46
N ASP A 134 -14.51 8.44 -20.64
CA ASP A 134 -14.56 9.89 -20.45
C ASP A 134 -13.63 10.25 -19.28
N GLY A 135 -12.35 10.40 -19.62
CA GLY A 135 -11.30 10.55 -18.62
C GLY A 135 -10.21 9.50 -18.72
N GLY A 136 -10.57 8.22 -18.53
CA GLY A 136 -9.57 7.16 -18.45
C GLY A 136 -8.85 6.87 -19.76
N SER A 137 -9.58 6.85 -20.87
CA SER A 137 -8.97 6.43 -22.13
C SER A 137 -7.87 7.38 -22.58
N GLY A 138 -8.14 8.69 -22.56
CA GLY A 138 -7.16 9.64 -23.05
C GLY A 138 -5.91 9.68 -22.20
N VAL A 139 -6.05 9.50 -20.89
CA VAL A 139 -4.90 9.39 -20.00
C VAL A 139 -4.12 8.10 -20.29
N GLY A 140 -4.83 6.98 -20.39
CA GLY A 140 -4.16 5.70 -20.57
C GLY A 140 -3.33 5.63 -21.82
N ILE A 141 -3.84 6.16 -22.93
CA ILE A 141 -3.06 6.19 -24.18
C ILE A 141 -1.79 7.02 -24.00
N LEU A 142 -1.91 8.19 -23.38
CA LEU A 142 -0.77 9.06 -23.15
C LEU A 142 0.21 8.45 -22.15
N LEU A 143 -0.28 7.59 -21.27
CA LEU A 143 0.59 6.87 -20.34
C LEU A 143 1.51 5.88 -21.06
N GLU A 144 0.96 5.16 -22.05
CA GLU A 144 1.77 4.27 -22.87
C GLU A 144 2.73 5.06 -23.77
N ILE A 145 2.27 6.20 -24.31
CA ILE A 145 3.18 7.08 -25.06
C ILE A 145 4.39 7.44 -24.22
N ALA A 146 4.17 7.81 -22.95
CA ALA A 146 5.29 8.12 -22.07
C ALA A 146 6.25 6.95 -21.98
N ARG A 147 5.71 5.74 -21.91
CA ARG A 147 6.53 4.54 -21.88
C ARG A 147 7.34 4.42 -23.17
N GLN A 148 6.67 4.59 -24.30
CA GLN A 148 7.34 4.46 -25.60
C GLN A 148 8.42 5.51 -25.81
N ILE A 149 8.19 6.75 -25.40
CA ILE A 149 9.20 7.75 -25.71
C ILE A 149 10.37 7.71 -24.73
N GLN A 150 10.21 7.09 -23.56
CA GLN A 150 11.38 6.78 -22.74
C GLN A 150 12.24 5.70 -23.38
N ALA A 151 11.61 4.72 -24.04
CA ALA A 151 12.35 3.61 -24.64
C ALA A 151 13.04 4.01 -25.93
N LYS A 152 12.46 4.98 -26.67
CA LYS A 152 12.99 5.47 -27.94
C LYS A 152 12.74 6.98 -27.91
N ALA A 153 13.77 7.75 -27.59
CA ALA A 153 13.56 9.18 -27.41
C ALA A 153 13.22 9.80 -28.75
N PRO A 154 12.17 10.63 -28.83
CA PRO A 154 11.88 11.33 -30.08
C PRO A 154 12.85 12.50 -30.27
N ALA A 155 12.85 13.05 -31.49
CA ALA A 155 13.72 14.18 -31.77
C ALA A 155 13.22 15.44 -31.09
N ILE A 156 11.91 15.57 -30.91
CA ILE A 156 11.31 16.77 -30.34
C ILE A 156 10.97 16.50 -28.88
N GLY A 157 10.85 17.59 -28.13
CA GLY A 157 10.32 17.48 -26.79
C GLY A 157 8.83 17.20 -26.81
N ILE A 158 8.37 16.56 -25.73
CA ILE A 158 6.96 16.21 -25.53
C ILE A 158 6.53 16.61 -24.14
N ASP A 159 5.43 17.34 -24.04
CA ASP A 159 4.77 17.66 -22.77
C ASP A 159 3.49 16.87 -22.71
N ILE A 160 3.36 16.00 -21.71
CA ILE A 160 2.12 15.29 -21.47
C ILE A 160 1.43 16.02 -20.34
N VAL A 161 0.20 16.47 -20.57
CA VAL A 161 -0.53 17.26 -19.59
C VAL A 161 -1.88 16.58 -19.33
N PHE A 162 -2.13 16.22 -18.08
CA PHE A 162 -3.39 15.66 -17.63
C PHE A 162 -4.15 16.75 -16.89
N PHE A 163 -5.25 17.21 -17.47
CA PHE A 163 -6.03 18.30 -16.87
C PHE A 163 -7.10 17.81 -15.91
N ASP A 164 -7.18 18.45 -14.76
CA ASP A 164 -8.16 18.14 -13.73
C ASP A 164 -9.43 18.96 -13.92
N ALA A 165 -10.50 18.51 -13.25
CA ALA A 165 -11.72 19.30 -13.07
C ALA A 165 -12.28 19.78 -14.40
N GLU A 166 -12.12 18.96 -15.44
CA GLU A 166 -12.69 19.24 -16.76
C GLU A 166 -14.17 18.93 -16.83
N ASP A 167 -14.62 17.90 -16.09
CA ASP A 167 -15.91 17.26 -16.29
C ASP A 167 -16.87 17.50 -15.13
N TYR A 168 -16.74 18.65 -14.46
CA TYR A 168 -17.56 19.04 -13.31
C TYR A 168 -18.54 20.13 -13.70
N GLY A 169 -18.92 20.19 -14.97
CA GLY A 169 -19.73 21.31 -15.41
C GLY A 169 -21.16 21.17 -14.94
N THR A 170 -21.91 22.23 -15.17
CA THR A 170 -23.30 22.32 -14.75
C THR A 170 -24.06 21.09 -15.23
N PRO A 171 -24.66 20.31 -14.34
CA PRO A 171 -25.43 19.14 -14.78
C PRO A 171 -26.77 19.50 -15.40
N GLU A 172 -27.31 18.52 -16.14
CA GLU A 172 -28.62 18.66 -16.77
C GLU A 172 -29.71 18.92 -15.74
N PHE A 173 -29.58 18.40 -14.52
CA PHE A 173 -30.61 18.59 -13.50
C PHE A 173 -30.50 19.95 -12.78
N VAL A 174 -29.67 20.87 -13.28
CA VAL A 174 -29.58 22.23 -12.78
C VAL A 174 -30.04 23.13 -13.92
N ASP A 175 -30.95 24.06 -13.62
CA ASP A 175 -31.52 24.84 -14.72
C ASP A 175 -30.66 26.02 -15.14
N GLU A 176 -29.94 26.64 -14.22
CA GLU A 176 -29.21 27.87 -14.52
C GLU A 176 -27.95 27.61 -15.33
N TYR A 177 -27.72 28.43 -16.35
CA TYR A 177 -26.49 28.39 -17.13
C TYR A 177 -25.51 29.43 -16.62
N LYS A 178 -24.24 29.01 -16.56
CA LYS A 178 -23.06 29.80 -16.25
C LYS A 178 -22.00 29.42 -17.28
N PRO A 179 -21.21 30.37 -17.78
CA PRO A 179 -20.16 30.04 -18.74
C PRO A 179 -18.94 29.42 -18.08
N ASP A 180 -18.20 28.64 -18.88
CA ASP A 180 -16.86 28.17 -18.54
C ASP A 180 -16.85 27.34 -17.25
N THR A 181 -17.91 26.56 -16.99
CA THR A 181 -17.91 25.71 -15.81
C THR A 181 -17.26 24.35 -16.06
N TRP A 182 -17.01 24.02 -17.34
CA TRP A 182 -16.21 22.89 -17.78
C TRP A 182 -14.77 23.34 -17.97
N CYS A 183 -13.87 22.35 -18.04
CA CYS A 183 -12.46 22.60 -18.32
C CYS A 183 -11.85 23.55 -17.28
N LEU A 184 -12.17 23.33 -15.99
CA LEU A 184 -11.65 24.24 -14.97
C LEU A 184 -10.13 24.16 -14.87
N GLY A 185 -9.58 22.96 -15.01
CA GLY A 185 -8.14 22.81 -14.90
C GLY A 185 -7.41 23.43 -16.07
N SER A 186 -7.90 23.18 -17.29
CA SER A 186 -7.23 23.69 -18.48
C SER A 186 -7.30 25.22 -18.54
N GLN A 187 -8.37 25.80 -17.99
CA GLN A 187 -8.43 27.25 -17.87
C GLN A 187 -7.30 27.77 -16.97
N PHE A 188 -7.08 27.12 -15.82
CA PHE A 188 -6.03 27.55 -14.89
C PHE A 188 -4.66 27.47 -15.54
N TRP A 189 -4.32 26.32 -16.10
CA TRP A 189 -2.99 26.10 -16.67
C TRP A 189 -2.75 27.01 -17.85
N ALA A 190 -3.77 27.20 -18.71
CA ALA A 190 -3.57 27.99 -19.91
C ALA A 190 -3.28 29.44 -19.57
N LYS A 191 -3.83 29.94 -18.46
CA LYS A 191 -3.51 31.29 -18.03
C LYS A 191 -2.33 31.29 -17.06
N ASN A 192 -2.07 30.16 -16.40
CA ASN A 192 -0.93 30.00 -15.49
C ASN A 192 -0.15 28.76 -15.89
N PRO A 193 0.77 28.89 -16.84
CA PRO A 193 1.53 27.72 -17.30
C PRO A 193 2.49 27.19 -16.25
N HIS A 194 2.89 25.92 -16.43
CA HIS A 194 3.76 25.25 -15.47
C HIS A 194 5.18 25.75 -15.58
N VAL A 195 5.56 26.30 -16.74
CA VAL A 195 6.84 26.95 -16.97
C VAL A 195 6.48 28.34 -17.51
N PRO A 196 7.19 29.41 -17.17
CA PRO A 196 6.88 30.68 -17.81
C PRO A 196 7.08 30.59 -19.31
N ASN A 197 6.30 31.36 -20.02
CA ASN A 197 6.28 31.41 -21.48
C ASN A 197 6.37 30.00 -22.05
N TYR A 198 5.40 29.16 -21.68
CA TYR A 198 5.40 27.80 -22.21
C TYR A 198 4.92 27.84 -23.64
N LYS A 199 5.59 27.07 -24.48
CA LYS A 199 5.32 27.08 -25.91
C LYS A 199 5.32 25.66 -26.47
N ALA A 200 4.38 25.41 -27.37
CA ALA A 200 4.30 24.14 -28.07
C ALA A 200 4.14 24.45 -29.56
N GLU A 201 4.71 23.59 -30.40
CA GLU A 201 4.53 23.75 -31.84
C GLU A 201 3.05 23.65 -32.18
N PHE A 202 2.41 22.60 -31.67
CA PHE A 202 0.97 22.40 -31.74
C PHE A 202 0.62 21.45 -30.60
N GLY A 203 -0.68 21.27 -30.39
CA GLY A 203 -1.16 20.44 -29.32
C GLY A 203 -2.18 19.44 -29.81
N ILE A 204 -2.19 18.27 -29.18
CA ILE A 204 -3.11 17.20 -29.52
C ILE A 204 -3.82 16.77 -28.25
N LEU A 205 -5.13 16.96 -28.22
CA LEU A 205 -5.95 16.52 -27.11
C LEU A 205 -6.64 15.20 -27.46
N LEU A 206 -6.62 14.28 -26.51
CA LEU A 206 -7.29 12.99 -26.60
C LEU A 206 -8.44 12.98 -25.61
N ASP A 207 -9.65 12.73 -26.10
CA ASP A 207 -10.84 12.73 -25.25
C ASP A 207 -11.79 11.64 -25.73
N MET A 208 -12.18 10.74 -24.83
CA MET A 208 -13.08 9.63 -25.17
C MET A 208 -12.56 8.89 -26.41
N VAL A 209 -11.40 8.28 -26.20
CA VAL A 209 -10.63 7.65 -27.26
C VAL A 209 -10.48 6.15 -27.00
N GLY A 210 -11.44 5.56 -26.29
CA GLY A 210 -11.37 4.13 -26.06
C GLY A 210 -12.63 3.30 -26.33
N SER A 211 -13.71 3.90 -26.80
CA SER A 211 -14.96 3.16 -26.87
C SER A 211 -15.01 2.29 -28.12
N ARG A 212 -15.72 1.16 -27.99
CA ARG A 212 -15.94 0.28 -29.12
C ARG A 212 -16.71 1.01 -30.21
N GLY A 213 -16.21 0.95 -31.44
CA GLY A 213 -16.85 1.59 -32.58
C GLY A 213 -16.63 3.09 -32.70
N ALA A 214 -15.69 3.65 -31.94
CA ALA A 214 -15.48 5.09 -31.98
C ALA A 214 -15.08 5.57 -33.37
N THR A 215 -15.55 6.77 -33.73
CA THR A 215 -15.23 7.42 -34.98
C THR A 215 -14.92 8.86 -34.66
N PHE A 216 -13.71 9.30 -34.98
CA PHE A 216 -13.25 10.65 -34.65
C PHE A 216 -13.40 11.50 -35.90
N TYR A 217 -14.45 12.31 -35.94
CA TYR A 217 -14.60 13.30 -36.99
C TYR A 217 -13.72 14.51 -36.69
N LYS A 218 -13.52 15.33 -37.71
CA LYS A 218 -12.73 16.55 -37.55
C LYS A 218 -13.59 17.57 -36.82
N GLU A 219 -13.18 17.93 -35.61
CA GLU A 219 -13.94 18.83 -34.76
C GLU A 219 -13.77 20.27 -35.23
N SER A 220 -14.85 21.06 -35.15
CA SER A 220 -14.89 22.35 -35.84
C SER A 220 -13.90 23.36 -35.25
N THR A 221 -13.85 23.46 -33.92
CA THR A 221 -12.86 24.33 -33.30
C THR A 221 -11.43 23.92 -33.69
N SER A 222 -11.19 22.61 -33.84
CA SER A 222 -9.86 22.13 -34.26
C SER A 222 -9.52 22.56 -35.67
N VAL A 223 -10.47 22.43 -36.59
CA VAL A 223 -10.24 22.79 -37.98
C VAL A 223 -10.03 24.28 -38.12
N GLN A 224 -10.68 25.08 -37.26
CA GLN A 224 -10.54 26.53 -37.29
C GLN A 224 -9.13 26.97 -36.91
N TYR A 225 -8.59 26.43 -35.82
CA TYR A 225 -7.33 26.92 -35.26
C TYR A 225 -6.15 25.97 -35.42
N ALA A 226 -6.39 24.74 -35.87
CA ALA A 226 -5.32 23.76 -35.96
C ALA A 226 -5.45 22.99 -37.26
N ALA A 227 -5.88 23.69 -38.32
CA ALA A 227 -6.23 23.05 -39.58
C ALA A 227 -5.05 22.25 -40.10
N ARG A 228 -3.85 22.83 -40.09
CA ARG A 228 -2.69 22.14 -40.65
C ARG A 228 -2.38 20.86 -39.88
N TYR A 229 -2.72 20.80 -38.60
CA TYR A 229 -2.43 19.62 -37.80
C TYR A 229 -3.56 18.59 -37.82
N VAL A 230 -4.81 19.01 -37.99
CA VAL A 230 -5.86 18.06 -38.33
C VAL A 230 -5.49 17.29 -39.59
N GLU A 231 -4.99 17.99 -40.61
CA GLU A 231 -4.55 17.31 -41.83
C GLU A 231 -3.40 16.36 -41.54
N LYS A 232 -2.45 16.82 -40.71
CA LYS A 232 -1.30 16.01 -40.32
C LYS A 232 -1.75 14.72 -39.62
N VAL A 233 -2.69 14.83 -38.68
CA VAL A 233 -3.14 13.66 -37.93
C VAL A 233 -4.02 12.76 -38.79
N TRP A 234 -4.95 13.34 -39.53
CA TRP A 234 -5.85 12.52 -40.32
C TRP A 234 -5.14 11.84 -41.48
N THR A 235 -4.14 12.50 -42.07
CA THR A 235 -3.39 11.90 -43.16
C THR A 235 -2.59 10.70 -42.65
N ALA A 236 -1.82 10.91 -41.58
CA ALA A 236 -1.04 9.85 -40.98
C ALA A 236 -1.92 8.70 -40.55
N ALA A 237 -3.13 9.00 -40.03
CA ALA A 237 -4.02 7.92 -39.62
C ALA A 237 -4.41 7.06 -40.81
N ARG A 238 -4.75 7.68 -41.94
CA ARG A 238 -5.13 6.89 -43.09
C ARG A 238 -3.92 6.14 -43.66
N GLU A 239 -2.75 6.79 -43.68
CA GLU A 239 -1.53 6.13 -44.12
C GLU A 239 -1.25 4.87 -43.31
N LEU A 240 -1.56 4.86 -42.01
CA LEU A 240 -1.34 3.68 -41.20
C LEU A 240 -2.47 2.66 -41.33
N GLY A 241 -3.54 3.00 -42.04
CA GLY A 241 -4.69 2.12 -42.16
C GLY A 241 -5.79 2.41 -41.17
N TYR A 242 -5.83 3.61 -40.56
CA TYR A 242 -6.82 3.91 -39.53
C TYR A 242 -7.84 4.94 -39.98
N GLY A 243 -8.13 4.99 -41.29
CA GLY A 243 -9.18 5.85 -41.80
C GLY A 243 -10.57 5.46 -41.36
N LYS A 244 -10.77 4.20 -40.95
CA LYS A 244 -12.06 3.80 -40.40
C LYS A 244 -12.30 4.43 -39.04
N TYR A 245 -11.23 4.87 -38.36
CA TYR A 245 -11.33 5.57 -37.08
C TYR A 245 -11.34 7.08 -37.24
N PHE A 246 -10.38 7.61 -37.99
CA PHE A 246 -10.27 9.05 -38.22
C PHE A 246 -11.05 9.34 -39.49
N ILE A 247 -12.27 9.82 -39.33
CA ILE A 247 -13.17 9.97 -40.48
C ILE A 247 -12.81 11.25 -41.21
N ASN A 248 -12.81 11.20 -42.54
CA ASN A 248 -12.54 12.39 -43.34
C ASN A 248 -13.85 13.13 -43.55
N ALA A 249 -14.35 13.69 -42.44
CA ALA A 249 -15.59 14.47 -42.43
C ALA A 249 -15.64 15.28 -41.15
N GLN A 250 -16.41 16.36 -41.18
CA GLN A 250 -16.55 17.28 -40.05
C GLN A 250 -17.53 16.75 -39.01
N GLY A 251 -17.24 17.08 -37.77
CA GLY A 251 -18.07 16.65 -36.66
C GLY A 251 -18.69 17.86 -36.02
N GLY A 252 -18.79 17.84 -34.69
CA GLY A 252 -19.41 18.92 -33.97
C GLY A 252 -18.44 20.01 -33.58
N ALA A 253 -19.01 21.12 -33.10
CA ALA A 253 -18.25 22.13 -32.40
C ALA A 253 -18.32 21.72 -30.94
N ILE A 254 -17.16 21.58 -30.31
CA ILE A 254 -17.10 20.91 -29.01
C ILE A 254 -16.40 21.79 -27.99
N VAL A 255 -17.05 22.01 -26.85
CA VAL A 255 -16.39 22.60 -25.69
C VAL A 255 -15.46 21.55 -25.08
N ASP A 256 -14.15 21.82 -25.12
CA ASP A 256 -13.20 20.88 -24.52
C ASP A 256 -11.93 21.60 -24.13
N ASP A 257 -11.02 20.85 -23.47
CA ASP A 257 -9.79 21.43 -22.94
C ASP A 257 -8.99 22.14 -24.01
N HIS A 258 -9.08 21.68 -25.27
CA HIS A 258 -8.28 22.30 -26.32
C HIS A 258 -8.74 23.73 -26.63
N GLN A 259 -10.01 24.03 -26.36
CA GLN A 259 -10.53 25.40 -26.53
C GLN A 259 -9.84 26.37 -25.57
N TYR A 260 -9.67 25.98 -24.32
CA TYR A 260 -9.06 26.88 -23.37
C TYR A 260 -7.53 26.98 -23.49
N VAL A 261 -6.87 25.96 -24.06
CA VAL A 261 -5.45 26.09 -24.33
C VAL A 261 -5.21 26.96 -25.57
N ILE A 262 -6.08 26.81 -26.58
CA ILE A 262 -6.04 27.69 -27.75
C ILE A 262 -6.25 29.13 -27.33
N GLN A 263 -7.30 29.38 -26.54
CA GLN A 263 -7.59 30.74 -26.09
C GLN A 263 -6.40 31.34 -25.35
N GLY A 264 -5.82 30.60 -24.41
CA GLY A 264 -4.85 31.15 -23.48
C GLY A 264 -3.43 31.30 -24.00
N LEU A 265 -2.96 30.35 -24.78
CA LEU A 265 -1.61 30.40 -25.35
C LEU A 265 -1.59 30.63 -26.86
N ARG A 266 -2.74 30.64 -27.53
CA ARG A 266 -2.82 30.75 -29.00
C ARG A 266 -2.03 29.62 -29.65
N THR A 267 -1.89 28.53 -28.93
CA THR A 267 -1.25 27.35 -29.46
C THR A 267 -2.27 26.56 -30.25
N PRO A 268 -2.00 26.24 -31.51
CA PRO A 268 -2.98 25.48 -32.29
C PRO A 268 -3.17 24.10 -31.70
N CYS A 269 -4.41 23.79 -31.34
CA CYS A 269 -4.73 22.55 -30.67
C CYS A 269 -5.86 21.83 -31.39
N LEU A 270 -5.75 20.51 -31.44
CA LEU A 270 -6.76 19.64 -32.04
C LEU A 270 -7.31 18.72 -30.97
N ASP A 271 -8.54 18.27 -31.18
CA ASP A 271 -9.20 17.34 -30.27
C ASP A 271 -9.47 16.06 -31.04
N ILE A 272 -8.93 14.96 -30.54
CA ILE A 272 -9.33 13.65 -31.02
C ILE A 272 -10.41 13.20 -30.05
N ILE A 273 -11.66 13.27 -30.47
CA ILE A 273 -12.80 13.07 -29.58
C ILE A 273 -13.85 12.29 -30.35
N ASN A 274 -14.46 11.32 -29.67
CA ASN A 274 -15.51 10.55 -30.32
C ASN A 274 -16.65 11.45 -30.75
N TYR A 275 -17.10 11.30 -31.99
CA TYR A 275 -18.31 11.98 -32.43
C TYR A 275 -19.33 10.90 -32.75
N ASP A 276 -20.48 10.94 -32.06
CA ASP A 276 -21.53 9.96 -32.33
C ASP A 276 -22.72 10.66 -32.98
N PRO A 277 -22.96 10.41 -34.27
CA PRO A 277 -24.00 11.18 -34.99
C PRO A 277 -25.41 10.70 -34.74
N ASP A 278 -25.60 9.59 -34.03
CA ASP A 278 -26.91 8.99 -33.81
C ASP A 278 -27.54 9.39 -32.49
N THR A 279 -26.83 10.14 -31.65
CA THR A 279 -27.35 10.51 -30.35
C THR A 279 -27.74 11.98 -30.40
N GLN A 280 -28.57 12.39 -29.44
CA GLN A 280 -28.86 13.81 -29.38
C GLN A 280 -27.61 14.60 -29.01
N SER A 281 -26.79 14.03 -28.12
CA SER A 281 -25.62 14.72 -27.58
C SER A 281 -24.38 14.68 -28.49
N GLY A 282 -24.28 13.73 -29.42
CA GLY A 282 -23.06 13.61 -30.20
C GLY A 282 -21.98 12.73 -29.61
N PHE A 283 -22.23 12.14 -28.45
CA PHE A 283 -21.28 11.24 -27.81
C PHE A 283 -21.90 9.86 -27.73
N GLY A 284 -21.07 8.89 -27.35
CA GLY A 284 -21.52 7.53 -27.18
C GLY A 284 -22.68 7.45 -26.20
N PRO A 285 -23.52 6.43 -26.35
CA PRO A 285 -24.71 6.30 -25.50
C PRO A 285 -24.42 6.20 -24.00
N TYR A 286 -23.18 5.85 -23.62
CA TYR A 286 -22.75 5.74 -22.23
C TYR A 286 -22.35 7.06 -21.61
N TRP A 287 -22.21 8.12 -22.43
CA TRP A 287 -21.65 9.39 -21.98
C TRP A 287 -22.47 9.95 -20.83
N HIS A 288 -21.77 10.26 -19.73
CA HIS A 288 -22.35 10.78 -18.49
C HIS A 288 -23.47 9.89 -17.98
N THR A 289 -23.31 8.58 -18.19
CA THR A 289 -24.10 7.55 -17.56
C THR A 289 -23.17 6.67 -16.74
N GLN A 290 -23.77 5.78 -15.97
CA GLN A 290 -22.98 4.78 -15.26
C GLN A 290 -22.66 3.57 -16.13
N ASN A 291 -22.99 3.65 -17.43
CA ASN A 291 -22.58 2.71 -18.46
C ASN A 291 -21.19 3.01 -19.02
N ASP A 292 -20.55 4.10 -18.59
CA ASP A 292 -19.18 4.40 -19.01
C ASP A 292 -18.19 3.63 -18.13
N THR A 293 -18.02 2.34 -18.44
CA THR A 293 -17.17 1.43 -17.69
C THR A 293 -16.11 0.84 -18.63
N MET A 294 -15.28 -0.04 -18.06
CA MET A 294 -14.32 -0.79 -18.87
C MET A 294 -15.01 -1.65 -19.92
N GLU A 295 -16.30 -1.97 -19.73
CA GLU A 295 -17.01 -2.87 -20.65
C GLU A 295 -16.94 -2.37 -22.08
N ASN A 296 -16.75 -1.06 -22.30
CA ASN A 296 -16.75 -0.53 -23.65
C ASN A 296 -15.35 -0.37 -24.24
N ILE A 297 -14.29 -0.45 -23.44
CA ILE A 297 -12.96 -0.12 -23.93
C ILE A 297 -12.53 -1.18 -24.95
N ASP A 298 -12.02 -0.71 -26.10
CA ASP A 298 -11.66 -1.50 -27.27
C ASP A 298 -10.19 -1.28 -27.56
N ARG A 299 -9.39 -2.34 -27.43
CA ARG A 299 -7.95 -2.24 -27.68
C ARG A 299 -7.66 -1.75 -29.09
N GLU A 300 -8.47 -2.15 -30.08
CA GLU A 300 -8.28 -1.67 -31.44
C GLU A 300 -8.53 -0.18 -31.57
N THR A 301 -9.53 0.35 -30.90
CA THR A 301 -9.67 1.80 -30.85
C THR A 301 -8.44 2.45 -30.22
N LEU A 302 -8.00 1.91 -29.08
CA LEU A 302 -6.80 2.43 -28.43
C LEU A 302 -5.59 2.34 -29.35
N LYS A 303 -5.48 1.21 -30.06
CA LYS A 303 -4.37 0.94 -30.97
C LYS A 303 -4.31 1.97 -32.08
N ALA A 304 -5.47 2.27 -32.69
CA ALA A 304 -5.50 3.26 -33.77
C ALA A 304 -4.98 4.61 -33.31
N VAL A 305 -5.50 5.11 -32.19
CA VAL A 305 -5.10 6.43 -31.73
C VAL A 305 -3.63 6.41 -31.33
N GLY A 306 -3.21 5.40 -30.60
CA GLY A 306 -1.84 5.37 -30.12
C GLY A 306 -0.81 5.26 -31.24
N GLU A 307 -1.07 4.35 -32.17
CA GLU A 307 -0.17 4.20 -33.33
C GLU A 307 -0.09 5.48 -34.14
N THR A 308 -1.21 6.19 -34.31
CA THR A 308 -1.22 7.39 -35.13
C THR A 308 -0.39 8.51 -34.52
N ILE A 309 -0.58 8.79 -33.23
CA ILE A 309 0.15 9.87 -32.59
C ILE A 309 1.64 9.55 -32.49
N LEU A 310 1.98 8.31 -32.15
CA LEU A 310 3.39 7.92 -32.13
C LEU A 310 4.05 8.14 -33.49
N ASN A 311 3.35 7.83 -34.57
CA ASN A 311 3.89 8.06 -35.91
C ASN A 311 4.15 9.55 -36.17
N VAL A 312 3.19 10.41 -35.82
CA VAL A 312 3.31 11.84 -36.12
C VAL A 312 4.40 12.51 -35.28
N ILE A 313 4.50 12.15 -33.99
CA ILE A 313 5.46 12.87 -33.15
C ILE A 313 6.88 12.48 -33.51
N TYR A 314 7.11 11.21 -33.84
CA TYR A 314 8.45 10.79 -34.25
C TYR A 314 8.79 11.30 -35.64
N ASN A 315 7.78 11.70 -36.39
CA ASN A 315 7.98 12.32 -37.70
C ASN A 315 8.05 13.83 -37.63
N GLU A 316 7.94 14.41 -36.43
CA GLU A 316 8.23 15.83 -36.26
C GLU A 316 9.75 15.99 -36.21
N LYS A 317 10.26 17.05 -36.83
CA LYS A 317 11.71 17.26 -36.82
C LYS A 317 12.10 18.55 -36.13
N PRO B 27 31.00 7.12 0.98
CA PRO B 27 31.76 7.98 0.07
C PRO B 27 31.99 9.39 0.62
N THR B 28 32.78 10.17 -0.12
CA THR B 28 33.28 11.46 0.33
C THR B 28 32.40 12.60 -0.17
N PHE B 29 32.07 13.50 0.75
CA PHE B 29 31.30 14.71 0.45
C PHE B 29 32.24 15.76 -0.12
N ASN B 30 31.94 16.24 -1.32
CA ASN B 30 32.79 17.23 -2.01
C ASN B 30 32.38 18.64 -1.61
N ALA B 31 33.17 19.23 -0.72
CA ALA B 31 32.94 20.58 -0.21
C ALA B 31 33.12 21.65 -1.27
N ASP B 32 34.03 21.47 -2.23
CA ASP B 32 34.12 22.41 -3.35
C ASP B 32 32.89 22.29 -4.25
N SER B 33 32.30 21.11 -4.36
CA SER B 33 31.10 20.96 -5.18
C SER B 33 29.91 21.68 -4.53
N ALA B 34 29.69 21.48 -3.24
CA ALA B 34 28.60 22.17 -2.56
C ALA B 34 28.78 23.69 -2.59
N TYR B 35 30.04 24.15 -2.44
CA TYR B 35 30.37 25.57 -2.50
C TYR B 35 30.08 26.17 -3.86
N ALA B 36 30.42 25.44 -4.94
CA ALA B 36 30.07 25.91 -6.28
C ALA B 36 28.57 25.98 -6.45
N TYR B 37 27.85 25.05 -5.81
CA TYR B 37 26.39 25.06 -5.87
C TYR B 37 25.83 26.32 -5.21
N ILE B 38 26.38 26.72 -4.07
CA ILE B 38 26.02 27.99 -3.43
C ILE B 38 26.30 29.16 -4.37
N GLU B 39 27.48 29.16 -5.00
CA GLU B 39 27.81 30.23 -5.95
C GLU B 39 26.90 30.21 -7.18
N ARG B 40 26.47 29.03 -7.61
CA ARG B 40 25.66 28.97 -8.83
C ARG B 40 24.31 29.63 -8.59
N GLN B 41 23.69 29.31 -7.44
CA GLN B 41 22.44 29.93 -7.03
C GLN B 41 22.57 31.45 -6.92
N VAL B 42 23.53 31.92 -6.13
CA VAL B 42 23.69 33.35 -5.91
C VAL B 42 23.89 34.09 -7.23
N ALA B 43 24.53 33.44 -8.21
CA ALA B 43 24.79 34.08 -9.50
C ALA B 43 23.51 34.38 -10.27
N PHE B 44 22.38 33.77 -9.91
CA PHE B 44 21.11 34.12 -10.54
C PHE B 44 20.62 35.50 -10.13
N GLY B 45 21.09 36.03 -9.00
CA GLY B 45 20.44 37.13 -8.33
C GLY B 45 19.53 36.59 -7.26
N PRO B 46 19.03 37.44 -6.37
CA PRO B 46 18.20 36.93 -5.26
C PRO B 46 16.99 36.15 -5.75
N ARG B 47 16.76 34.97 -5.16
CA ARG B 47 15.64 34.10 -5.53
C ARG B 47 14.39 34.43 -4.71
N VAL B 48 13.85 35.63 -4.94
CA VAL B 48 12.61 36.04 -4.29
C VAL B 48 11.43 35.61 -5.18
N PRO B 49 10.42 34.97 -4.61
CA PRO B 49 9.27 34.52 -5.42
C PRO B 49 8.68 35.63 -6.27
N ASN B 50 8.31 35.27 -7.50
CA ASN B 50 7.71 36.12 -8.56
C ASN B 50 8.71 36.95 -9.33
N THR B 51 10.01 36.66 -9.21
CA THR B 51 11.06 37.27 -10.01
C THR B 51 11.59 36.23 -11.00
N GLU B 52 12.30 36.69 -12.03
CA GLU B 52 12.91 35.78 -13.01
C GLU B 52 14.09 35.00 -12.43
N ALA B 53 14.92 35.63 -11.58
CA ALA B 53 16.03 34.92 -10.97
C ALA B 53 15.53 33.72 -10.18
N HIS B 54 14.41 33.89 -9.47
CA HIS B 54 13.75 32.78 -8.78
C HIS B 54 13.36 31.67 -9.76
N GLN B 55 12.76 32.03 -10.89
CA GLN B 55 12.32 31.03 -11.85
C GLN B 55 13.50 30.30 -12.49
N ARG B 56 14.56 31.02 -12.88
CA ARG B 56 15.74 30.37 -13.45
C ARG B 56 16.34 29.38 -12.46
N CYS B 57 16.45 29.78 -11.19
CA CYS B 57 17.03 28.89 -10.18
C CYS B 57 16.09 27.74 -9.87
N ALA B 58 14.77 27.98 -9.86
CA ALA B 58 13.84 26.86 -9.80
C ALA B 58 14.14 25.87 -10.93
N ASP B 59 14.29 26.38 -12.15
CA ASP B 59 14.68 25.55 -13.29
C ASP B 59 16.03 24.86 -13.04
N TYR B 60 16.99 25.60 -12.49
CA TYR B 60 18.33 25.04 -12.27
C TYR B 60 18.31 23.90 -11.26
N LEU B 61 17.63 24.10 -10.13
CA LEU B 61 17.63 23.09 -9.09
C LEU B 61 16.97 21.80 -9.59
N ALA B 62 15.81 21.93 -10.25
CA ALA B 62 15.13 20.77 -10.82
C ALA B 62 16.02 20.08 -11.86
N GLY B 63 16.73 20.85 -12.67
CA GLY B 63 17.65 20.26 -13.63
C GLY B 63 18.78 19.47 -12.98
N GLU B 64 19.36 20.02 -11.90
CA GLU B 64 20.43 19.32 -11.19
C GLU B 64 19.94 18.02 -10.54
N LEU B 65 18.77 18.07 -9.90
CA LEU B 65 18.20 16.85 -9.32
C LEU B 65 17.94 15.80 -10.40
N ASP B 66 17.37 16.22 -11.51
CA ASP B 66 17.05 15.30 -12.59
C ASP B 66 18.30 14.67 -13.19
N ARG B 67 19.29 15.51 -13.50
CA ARG B 67 20.52 15.03 -14.13
C ARG B 67 21.22 13.98 -13.27
N HIS B 68 21.01 13.98 -11.97
CA HIS B 68 21.69 13.07 -11.06
C HIS B 68 20.76 11.96 -10.56
N GLY B 69 19.81 11.55 -11.42
CA GLY B 69 19.07 10.32 -11.27
C GLY B 69 17.75 10.40 -10.53
N ALA B 70 17.37 11.57 -10.02
CA ALA B 70 16.17 11.67 -9.23
C ALA B 70 14.91 11.55 -10.08
N LYS B 71 13.86 11.00 -9.49
CA LYS B 71 12.52 11.22 -10.02
C LYS B 71 12.09 12.57 -9.48
N VAL B 72 11.99 13.57 -10.35
CA VAL B 72 11.85 14.96 -9.96
C VAL B 72 10.39 15.37 -10.11
N TYR B 73 9.81 15.89 -9.03
CA TYR B 73 8.45 16.43 -9.02
C TYR B 73 8.48 17.87 -8.53
N VAL B 74 7.81 18.76 -9.25
CA VAL B 74 7.68 20.16 -8.85
C VAL B 74 6.22 20.41 -8.50
N GLN B 75 5.96 20.70 -7.22
CA GLN B 75 4.64 21.08 -6.72
C GLN B 75 4.46 22.60 -6.87
N GLU B 76 3.52 23.02 -7.72
CA GLU B 76 3.18 24.42 -7.91
C GLU B 76 1.88 24.76 -7.19
N ALA B 77 1.95 25.71 -6.25
CA ALA B 77 0.81 26.19 -5.48
C ALA B 77 0.92 27.69 -5.31
N VAL B 78 -0.23 28.36 -5.25
CA VAL B 78 -0.31 29.81 -5.02
C VAL B 78 -0.48 30.02 -3.52
N LEU B 79 0.54 30.59 -2.89
CA LEU B 79 0.59 30.81 -1.44
C LEU B 79 0.45 32.30 -1.13
N THR B 80 -0.12 32.61 0.03
CA THR B 80 -0.37 34.00 0.42
C THR B 80 0.54 34.43 1.57
N ALA B 81 1.42 35.40 1.30
CA ALA B 81 2.30 36.03 2.28
C ALA B 81 1.55 37.02 3.17
N TYR B 82 2.24 37.47 4.25
CA TYR B 82 1.64 38.32 5.29
C TYR B 82 0.93 39.55 4.75
N ASN B 83 1.37 40.09 3.61
CA ASN B 83 0.80 41.29 3.01
C ASN B 83 -0.15 40.97 1.87
N GLY B 84 -0.54 39.71 1.74
CA GLY B 84 -1.47 39.31 0.69
C GLY B 84 -0.86 39.04 -0.67
N GLU B 85 0.43 39.27 -0.88
CA GLU B 85 1.01 38.95 -2.18
C GLU B 85 0.88 37.45 -2.45
N LYS B 86 0.35 37.11 -3.63
CA LYS B 86 0.20 35.72 -4.01
C LYS B 86 1.51 35.28 -4.66
N LEU B 87 2.18 34.33 -4.02
CA LEU B 87 3.47 33.85 -4.47
C LEU B 87 3.26 32.56 -5.25
N LYS B 88 3.79 32.51 -6.48
CA LYS B 88 3.75 31.28 -7.26
C LYS B 88 4.93 30.44 -6.78
N ALA B 89 4.65 29.58 -5.81
CA ALA B 89 5.69 28.83 -5.15
C ALA B 89 5.91 27.52 -5.89
N GLN B 90 7.16 27.08 -5.88
CA GLN B 90 7.56 25.77 -6.42
C GLN B 90 8.37 25.06 -5.34
N ASN B 91 7.78 24.04 -4.75
CA ASN B 91 8.52 23.08 -3.95
C ASN B 91 9.13 22.02 -4.86
N ILE B 92 10.43 21.84 -4.74
CA ILE B 92 11.21 21.02 -5.66
C ILE B 92 11.61 19.74 -4.94
N VAL B 93 11.16 18.61 -5.46
CA VAL B 93 11.36 17.30 -4.86
C VAL B 93 12.17 16.43 -5.81
N GLY B 94 13.27 15.84 -5.29
CA GLY B 94 14.03 14.81 -5.99
C GLY B 94 14.05 13.49 -5.26
N ALA B 95 13.43 12.43 -5.79
CA ALA B 95 13.30 11.15 -5.08
C ALA B 95 14.31 10.13 -5.59
N PHE B 96 15.13 9.60 -4.69
CA PHE B 96 16.17 8.63 -5.02
C PHE B 96 15.77 7.26 -4.50
N GLN B 97 15.93 6.25 -5.34
CA GLN B 97 15.44 4.91 -5.08
C GLN B 97 13.99 4.95 -4.59
N PRO B 98 13.05 5.43 -5.42
CA PRO B 98 11.67 5.57 -4.94
C PRO B 98 11.05 4.24 -4.55
N GLU B 99 11.69 3.13 -4.90
CA GLU B 99 11.17 1.82 -4.52
C GLU B 99 11.42 1.49 -3.06
N LYS B 100 12.40 2.14 -2.43
CA LYS B 100 12.73 1.80 -1.05
C LYS B 100 11.66 2.32 -0.09
N SER B 101 11.20 1.41 0.77
CA SER B 101 10.12 1.70 1.71
C SER B 101 10.61 2.40 2.97
N ARG B 102 11.88 2.22 3.35
CA ARG B 102 12.51 2.94 4.44
C ARG B 102 13.24 4.17 3.90
N ARG B 103 12.83 5.36 4.33
CA ARG B 103 13.28 6.59 3.71
C ARG B 103 13.64 7.61 4.77
N VAL B 104 14.54 8.52 4.40
CA VAL B 104 14.85 9.71 5.19
C VAL B 104 14.64 10.94 4.33
N LEU B 105 14.00 11.95 4.92
CA LEU B 105 13.73 13.21 4.28
C LEU B 105 14.87 14.17 4.57
N LEU B 106 15.44 14.76 3.53
CA LEU B 106 16.45 15.81 3.63
C LEU B 106 15.85 17.03 2.96
N PHE B 107 15.78 18.15 3.70
CA PHE B 107 15.12 19.31 3.13
C PHE B 107 15.82 20.60 3.54
N ALA B 108 15.50 21.65 2.79
CA ALA B 108 16.08 22.98 2.94
C ALA B 108 15.18 23.93 2.17
N HIS B 109 15.24 25.21 2.56
CA HIS B 109 14.55 26.24 1.82
C HIS B 109 15.51 26.90 0.84
N TRP B 110 15.00 27.24 -0.33
CA TRP B 110 15.83 27.78 -1.38
C TRP B 110 15.52 29.21 -1.78
N ASP B 111 14.41 29.79 -1.31
CA ASP B 111 14.10 31.18 -1.64
C ASP B 111 15.01 32.16 -0.92
N SER B 112 15.07 33.39 -1.46
CA SER B 112 15.75 34.50 -0.85
C SER B 112 14.73 35.52 -0.36
N ARG B 113 15.00 36.09 0.82
CA ARG B 113 14.10 37.07 1.44
C ARG B 113 14.00 38.36 0.63
N PRO B 114 12.79 38.90 0.43
CA PRO B 114 12.65 40.15 -0.32
C PRO B 114 13.06 41.41 0.44
N TYR B 115 13.36 41.30 1.73
CA TYR B 115 13.63 42.44 2.58
C TYR B 115 14.97 42.26 3.28
N ALA B 116 15.85 43.25 3.14
CA ALA B 116 17.04 43.32 3.99
C ALA B 116 16.72 44.07 5.28
N ASP B 117 15.70 43.56 6.00
CA ASP B 117 15.04 44.38 7.00
C ASP B 117 15.80 44.47 8.33
N HIS B 118 16.90 43.73 8.50
CA HIS B 118 17.79 43.94 9.63
C HIS B 118 19.02 44.74 9.22
N ASP B 119 19.04 45.26 8.00
CA ASP B 119 20.20 46.00 7.52
C ASP B 119 20.48 47.23 8.37
N THR B 120 21.77 47.56 8.47
CA THR B 120 22.19 48.74 9.20
C THR B 120 21.75 50.02 8.50
N ASP B 121 21.60 49.96 7.18
CA ASP B 121 21.12 51.07 6.37
C ASP B 121 19.65 50.80 6.05
N GLU B 122 18.75 51.67 6.53
CA GLU B 122 17.33 51.50 6.22
C GLU B 122 17.06 51.59 4.73
N ALA B 123 17.89 52.33 3.99
CA ALA B 123 17.72 52.43 2.54
C ALA B 123 17.77 51.07 1.83
N ASN B 124 18.30 50.02 2.49
CA ASN B 124 18.31 48.67 1.93
C ASN B 124 17.17 47.79 2.44
N HIS B 125 16.36 48.27 3.40
CA HIS B 125 15.42 47.40 4.11
C HIS B 125 14.36 46.79 3.18
N ARG B 126 14.09 47.40 2.04
CA ARG B 126 13.10 46.87 1.12
C ARG B 126 13.72 46.35 -0.18
N LYS B 127 15.06 46.07 -0.17
CA LYS B 127 15.80 45.40 -1.21
C LYS B 127 16.16 43.97 -0.77
N PRO B 128 16.08 43.00 -1.68
CA PRO B 128 16.31 41.59 -1.31
C PRO B 128 17.76 41.33 -0.93
N ILE B 129 17.96 40.17 -0.31
CA ILE B 129 19.29 39.70 0.09
C ILE B 129 19.71 38.60 -0.88
N ASP B 130 21.03 38.44 -1.03
CA ASP B 130 21.52 37.37 -1.90
C ASP B 130 21.19 36.00 -1.32
N GLY B 131 21.07 35.90 0.00
CA GLY B 131 20.73 34.66 0.68
C GLY B 131 21.70 33.52 0.43
N ALA B 132 22.99 33.81 0.47
CA ALA B 132 24.00 32.77 0.24
C ALA B 132 23.95 31.70 1.33
N ASP B 133 23.95 32.10 2.60
CA ASP B 133 23.83 31.13 3.68
C ASP B 133 22.37 30.79 4.01
N ASP B 134 21.50 31.78 3.95
CA ASP B 134 20.10 31.60 4.27
C ASP B 134 19.40 31.27 2.94
N GLY B 135 19.42 29.98 2.61
CA GLY B 135 18.97 29.55 1.30
C GLY B 135 20.03 28.80 0.52
N GLY B 136 21.12 29.48 0.17
CA GLY B 136 22.09 28.86 -0.70
C GLY B 136 22.77 27.67 -0.07
N SER B 137 23.17 27.79 1.21
CA SER B 137 24.02 26.79 1.83
C SER B 137 23.34 25.44 1.93
N GLY B 138 22.13 25.39 2.50
CA GLY B 138 21.48 24.12 2.72
C GLY B 138 21.15 23.44 1.42
N VAL B 139 20.77 24.23 0.41
CA VAL B 139 20.54 23.69 -0.93
C VAL B 139 21.85 23.18 -1.52
N GLY B 140 22.92 23.96 -1.40
CA GLY B 140 24.18 23.55 -2.01
C GLY B 140 24.70 22.25 -1.44
N ILE B 141 24.59 22.08 -0.12
CA ILE B 141 25.00 20.82 0.49
C ILE B 141 24.17 19.65 -0.04
N LEU B 142 22.85 19.83 -0.11
CA LEU B 142 21.96 18.74 -0.50
C LEU B 142 22.08 18.39 -1.98
N LEU B 143 22.47 19.34 -2.83
CA LEU B 143 22.75 18.99 -4.24
C LEU B 143 23.99 18.11 -4.34
N GLU B 144 25.01 18.41 -3.53
CA GLU B 144 26.17 17.53 -3.50
C GLU B 144 25.80 16.17 -2.92
N ILE B 145 24.95 16.13 -1.90
CA ILE B 145 24.42 14.86 -1.40
C ILE B 145 23.77 14.07 -2.54
N ALA B 146 22.92 14.74 -3.32
CA ALA B 146 22.27 14.10 -4.46
C ALA B 146 23.30 13.55 -5.46
N ARG B 147 24.39 14.31 -5.69
CA ARG B 147 25.43 13.87 -6.61
C ARG B 147 26.08 12.57 -6.13
N GLN B 148 26.48 12.51 -4.87
CA GLN B 148 27.17 11.34 -4.34
C GLN B 148 26.29 10.09 -4.42
N ILE B 149 25.00 10.24 -4.13
CA ILE B 149 24.15 9.04 -4.12
C ILE B 149 23.70 8.61 -5.51
N GLN B 150 23.85 9.47 -6.52
CA GLN B 150 23.68 8.99 -7.89
C GLN B 150 24.76 8.00 -8.27
N ALA B 151 25.97 8.24 -7.78
CA ALA B 151 27.12 7.40 -8.11
C ALA B 151 27.17 6.16 -7.22
N LYS B 152 26.76 6.27 -5.97
CA LYS B 152 26.82 5.15 -5.04
C LYS B 152 25.62 5.27 -4.09
N ALA B 153 24.61 4.46 -4.32
CA ALA B 153 23.37 4.56 -3.55
C ALA B 153 23.54 4.03 -2.12
N PRO B 154 22.97 4.70 -1.11
CA PRO B 154 22.87 4.10 0.22
C PRO B 154 21.86 2.97 0.26
N ALA B 155 21.72 2.29 1.41
CA ALA B 155 20.74 1.21 1.49
C ALA B 155 19.31 1.74 1.46
N ILE B 156 19.09 2.96 1.96
CA ILE B 156 17.77 3.50 2.16
C ILE B 156 17.41 4.43 1.02
N GLY B 157 16.11 4.70 0.88
CA GLY B 157 15.67 5.76 -0.02
C GLY B 157 15.93 7.13 0.56
N ILE B 158 16.18 8.09 -0.32
CA ILE B 158 16.41 9.47 0.05
C ILE B 158 15.55 10.36 -0.82
N ASP B 159 14.77 11.21 -0.19
CA ASP B 159 13.98 12.21 -0.86
C ASP B 159 14.58 13.56 -0.51
N ILE B 160 14.95 14.34 -1.54
CA ILE B 160 15.51 15.67 -1.37
C ILE B 160 14.45 16.72 -1.69
N VAL B 161 14.20 17.63 -0.76
CA VAL B 161 13.14 18.62 -0.92
C VAL B 161 13.68 20.02 -0.70
N PHE B 162 13.53 20.87 -1.72
CA PHE B 162 13.83 22.30 -1.66
C PHE B 162 12.49 23.04 -1.51
N PHE B 163 12.28 23.65 -0.35
CA PHE B 163 11.02 24.35 -0.09
C PHE B 163 11.09 25.80 -0.53
N ASP B 164 10.03 26.24 -1.20
CA ASP B 164 9.87 27.61 -1.66
C ASP B 164 9.21 28.44 -0.56
N ALA B 165 9.28 29.77 -0.72
CA ALA B 165 8.47 30.73 0.05
C ALA B 165 8.66 30.61 1.56
N GLU B 166 9.88 30.32 2.01
CA GLU B 166 10.13 30.20 3.44
C GLU B 166 10.40 31.54 4.12
N ASP B 167 11.05 32.47 3.43
CA ASP B 167 11.66 33.64 4.05
C ASP B 167 10.93 34.91 3.68
N TYR B 168 9.62 34.81 3.55
CA TYR B 168 8.76 35.93 3.18
C TYR B 168 7.91 36.40 4.37
N GLY B 169 8.40 36.16 5.59
CA GLY B 169 7.60 36.49 6.75
C GLY B 169 7.61 37.98 6.99
N THR B 170 6.79 38.39 7.94
CA THR B 170 6.57 39.80 8.26
C THR B 170 7.89 40.54 8.50
N PRO B 171 8.17 41.60 7.77
CA PRO B 171 9.38 42.37 8.03
C PRO B 171 9.26 43.19 9.31
N GLU B 172 10.43 43.57 9.83
CA GLU B 172 10.48 44.36 11.05
C GLU B 172 9.84 45.73 10.85
N PHE B 173 9.91 46.27 9.63
CA PHE B 173 9.35 47.57 9.32
C PHE B 173 7.86 47.49 9.00
N VAL B 174 7.21 46.39 9.37
CA VAL B 174 5.76 46.24 9.32
C VAL B 174 5.29 46.06 10.75
N ASP B 175 4.25 46.79 11.15
CA ASP B 175 3.88 46.79 12.56
C ASP B 175 3.03 45.59 12.96
N GLU B 176 2.17 45.11 12.08
CA GLU B 176 1.19 44.09 12.46
C GLU B 176 1.80 42.69 12.51
N TYR B 177 1.47 41.94 13.57
CA TYR B 177 1.87 40.54 13.65
C TYR B 177 0.76 39.63 13.14
N LYS B 178 1.16 38.62 12.38
CA LYS B 178 0.31 37.54 11.92
C LYS B 178 1.05 36.24 12.18
N PRO B 179 0.34 35.18 12.58
CA PRO B 179 1.01 33.89 12.73
C PRO B 179 1.23 33.27 11.36
N ASP B 180 2.24 32.38 11.32
CA ASP B 180 2.44 31.48 10.19
C ASP B 180 2.74 32.20 8.89
N THR B 181 3.48 33.30 8.97
CA THR B 181 3.87 34.00 7.75
C THR B 181 5.17 33.47 7.14
N TRP B 182 5.95 32.72 7.91
CA TRP B 182 7.14 32.01 7.45
C TRP B 182 6.79 30.59 7.03
N CYS B 183 7.69 29.99 6.26
CA CYS B 183 7.58 28.58 5.86
C CYS B 183 6.30 28.30 5.09
N LEU B 184 5.97 29.17 4.13
CA LEU B 184 4.74 28.95 3.38
C LEU B 184 4.83 27.69 2.56
N GLY B 185 6.01 27.40 2.01
CA GLY B 185 6.15 26.25 1.14
C GLY B 185 6.02 24.95 1.90
N SER B 186 6.69 24.84 3.05
CA SER B 186 6.58 23.62 3.85
C SER B 186 5.22 23.50 4.50
N GLN B 187 4.55 24.63 4.78
CA GLN B 187 3.20 24.58 5.31
C GLN B 187 2.25 23.94 4.30
N PHE B 188 2.31 24.38 3.05
CA PHE B 188 1.46 23.77 2.04
C PHE B 188 1.80 22.29 1.86
N TRP B 189 3.09 21.99 1.70
CA TRP B 189 3.48 20.61 1.40
C TRP B 189 3.19 19.67 2.57
N ALA B 190 3.49 20.07 3.80
CA ALA B 190 3.28 19.20 4.97
C ALA B 190 1.82 19.08 5.36
N LYS B 191 1.05 20.15 5.20
CA LYS B 191 -0.35 20.19 5.61
C LYS B 191 -1.30 19.77 4.50
N ASN B 192 -0.89 19.88 3.25
CA ASN B 192 -1.79 19.56 2.16
C ASN B 192 -1.27 18.38 1.37
N PRO B 193 -2.17 17.62 0.69
CA PRO B 193 -1.72 16.42 0.00
C PRO B 193 -0.76 16.79 -1.10
N HIS B 194 0.12 15.86 -1.44
CA HIS B 194 1.17 16.15 -2.39
C HIS B 194 1.45 14.90 -3.22
N VAL B 195 2.14 15.11 -4.34
CA VAL B 195 2.52 14.02 -5.22
C VAL B 195 4.05 14.03 -5.32
N PRO B 196 4.72 12.87 -5.19
CA PRO B 196 4.22 11.64 -4.56
C PRO B 196 4.08 11.75 -3.04
N ASN B 197 3.22 10.92 -2.47
CA ASN B 197 3.00 10.88 -1.02
C ASN B 197 3.95 9.86 -0.38
N TYR B 198 5.21 10.27 -0.23
CA TYR B 198 6.22 9.50 0.50
C TYR B 198 6.15 9.78 2.00
N LYS B 199 6.75 8.86 2.77
CA LYS B 199 6.78 8.87 4.22
C LYS B 199 8.20 8.60 4.67
N ALA B 200 8.63 9.26 5.74
CA ALA B 200 10.01 9.17 6.15
C ALA B 200 10.12 8.73 7.60
N GLU B 201 11.18 7.96 7.87
CA GLU B 201 11.47 7.59 9.26
C GLU B 201 11.78 8.84 10.05
N PHE B 202 12.63 9.69 9.50
CA PHE B 202 12.94 10.97 10.08
C PHE B 202 13.36 11.92 8.97
N GLY B 203 13.52 13.19 9.34
CA GLY B 203 13.91 14.21 8.40
C GLY B 203 15.04 15.04 8.96
N ILE B 204 15.90 15.53 8.06
CA ILE B 204 17.00 16.41 8.45
C ILE B 204 16.88 17.70 7.65
N LEU B 205 16.66 18.80 8.35
CA LEU B 205 16.60 20.12 7.75
C LEU B 205 17.95 20.83 7.90
N LEU B 206 18.42 21.40 6.82
CA LEU B 206 19.63 22.21 6.83
C LEU B 206 19.23 23.65 6.59
N ASP B 207 19.60 24.54 7.51
CA ASP B 207 19.31 25.96 7.37
C ASP B 207 20.53 26.69 7.86
N MET B 208 21.11 27.55 7.02
CA MET B 208 22.30 28.31 7.41
C MET B 208 23.43 27.41 7.91
N VAL B 209 23.94 26.61 6.96
CA VAL B 209 24.91 25.58 7.27
C VAL B 209 26.22 25.84 6.51
N GLY B 210 26.49 27.10 6.21
CA GLY B 210 27.70 27.42 5.46
C GLY B 210 28.59 28.56 5.96
N SER B 211 28.27 29.15 7.11
CA SER B 211 28.99 30.34 7.54
C SER B 211 30.29 29.95 8.22
N ARG B 212 31.25 30.86 8.15
CA ARG B 212 32.49 30.70 8.88
C ARG B 212 32.21 30.75 10.38
N GLY B 213 32.69 29.72 11.10
CA GLY B 213 32.49 29.68 12.53
C GLY B 213 31.13 29.20 12.96
N ALA B 214 30.38 28.58 12.05
CA ALA B 214 29.03 28.14 12.35
C ALA B 214 29.03 27.18 13.54
N THR B 215 28.01 27.30 14.38
CA THR B 215 27.86 26.44 15.55
C THR B 215 26.40 26.01 15.68
N PHE B 216 26.18 24.70 15.62
CA PHE B 216 24.84 24.10 15.62
C PHE B 216 24.53 23.54 17.00
N TYR B 217 23.64 24.20 17.71
CA TYR B 217 23.15 23.66 18.97
C TYR B 217 21.99 22.68 18.68
N LYS B 218 21.64 21.88 19.68
CA LYS B 218 20.53 20.94 19.53
C LYS B 218 19.23 21.73 19.70
N GLU B 219 18.50 21.92 18.60
CA GLU B 219 17.35 22.80 18.64
C GLU B 219 16.20 22.11 19.36
N SER B 220 15.46 22.90 20.14
CA SER B 220 14.55 22.31 21.12
C SER B 220 13.45 21.49 20.46
N THR B 221 12.79 22.06 19.46
CA THR B 221 11.74 21.33 18.76
C THR B 221 12.30 20.04 18.16
N SER B 222 13.54 20.09 17.67
CA SER B 222 14.17 18.89 17.15
C SER B 222 14.31 17.85 18.24
N VAL B 223 14.69 18.27 19.46
CA VAL B 223 14.79 17.37 20.60
C VAL B 223 13.43 16.93 21.09
N GLN B 224 12.43 17.82 21.03
CA GLN B 224 11.11 17.47 21.51
C GLN B 224 10.53 16.31 20.69
N TYR B 225 10.68 16.38 19.37
CA TYR B 225 10.04 15.42 18.48
C TYR B 225 10.98 14.44 17.79
N ALA B 226 12.31 14.68 17.83
CA ALA B 226 13.23 13.81 17.08
C ALA B 226 14.56 13.63 17.81
N ALA B 227 14.52 13.52 19.14
CA ALA B 227 15.75 13.53 19.94
C ALA B 227 16.74 12.44 19.53
N ARG B 228 16.26 11.21 19.31
CA ARG B 228 17.15 10.11 18.96
C ARG B 228 17.84 10.34 17.62
N TYR B 229 17.25 11.12 16.73
CA TYR B 229 17.85 11.35 15.42
C TYR B 229 18.85 12.49 15.45
N VAL B 230 18.60 13.51 16.28
CA VAL B 230 19.63 14.48 16.60
C VAL B 230 20.84 13.78 17.18
N GLU B 231 20.61 12.82 18.06
CA GLU B 231 21.70 12.09 18.70
C GLU B 231 22.53 11.33 17.67
N LYS B 232 21.86 10.75 16.69
CA LYS B 232 22.54 10.04 15.61
C LYS B 232 23.45 10.98 14.83
N VAL B 233 22.93 12.14 14.46
CA VAL B 233 23.66 13.09 13.62
C VAL B 233 24.77 13.77 14.42
N TRP B 234 24.49 14.17 15.67
CA TRP B 234 25.53 14.82 16.49
C TRP B 234 26.65 13.84 16.80
N THR B 235 26.31 12.58 17.04
CA THR B 235 27.33 11.57 17.31
C THR B 235 28.20 11.35 16.08
N ALA B 236 27.57 11.16 14.92
CA ALA B 236 28.32 10.97 13.68
C ALA B 236 29.26 12.13 13.40
N ALA B 237 28.79 13.37 13.58
CA ALA B 237 29.61 14.54 13.32
C ALA B 237 30.81 14.62 14.27
N ARG B 238 30.56 14.40 15.56
CA ARG B 238 31.66 14.47 16.53
C ARG B 238 32.64 13.33 16.31
N GLU B 239 32.13 12.14 15.98
CA GLU B 239 33.00 11.02 15.63
C GLU B 239 33.94 11.39 14.49
N LEU B 240 33.44 12.17 13.53
CA LEU B 240 34.22 12.59 12.36
C LEU B 240 35.11 13.81 12.64
N GLY B 241 35.10 14.36 13.84
CA GLY B 241 35.90 15.52 14.16
C GLY B 241 35.20 16.86 14.05
N TYR B 242 33.87 16.89 14.11
CA TYR B 242 33.10 18.11 13.89
C TYR B 242 32.36 18.56 15.15
N GLY B 243 32.91 18.26 16.33
CA GLY B 243 32.33 18.71 17.57
C GLY B 243 32.36 20.22 17.76
N LYS B 244 33.27 20.92 17.10
CA LYS B 244 33.29 22.38 17.15
C LYS B 244 32.10 23.01 16.42
N TYR B 245 31.45 22.25 15.53
CA TYR B 245 30.23 22.65 14.84
C TYR B 245 28.97 22.10 15.50
N PHE B 246 28.97 20.80 15.81
CA PHE B 246 27.85 20.12 16.43
C PHE B 246 28.10 20.08 17.94
N ILE B 247 27.49 21.01 18.64
CA ILE B 247 27.68 21.28 20.06
C ILE B 247 26.77 20.36 20.87
N ASN B 248 27.30 19.80 21.97
CA ASN B 248 26.50 18.98 22.89
C ASN B 248 25.83 19.91 23.91
N ALA B 249 24.83 20.64 23.41
CA ALA B 249 24.08 21.58 24.22
C ALA B 249 22.78 21.91 23.50
N GLN B 250 21.83 22.44 24.28
CA GLN B 250 20.56 22.93 23.75
C GLN B 250 20.70 24.35 23.21
N GLY B 251 19.84 24.67 22.24
CA GLY B 251 19.91 25.97 21.61
C GLY B 251 18.73 26.92 21.75
N GLY B 252 17.52 26.39 21.82
CA GLY B 252 16.33 27.22 21.82
C GLY B 252 15.37 26.82 20.73
N ALA B 253 14.17 27.39 20.80
CA ALA B 253 13.15 27.07 19.80
C ALA B 253 13.30 27.95 18.56
N ILE B 254 13.31 27.32 17.39
CA ILE B 254 13.52 28.01 16.13
C ILE B 254 12.35 27.66 15.22
N VAL B 255 11.62 28.67 14.76
CA VAL B 255 10.60 28.47 13.75
C VAL B 255 11.30 28.19 12.41
N ASP B 256 11.11 26.98 11.90
CA ASP B 256 11.74 26.62 10.64
C ASP B 256 10.84 25.59 9.96
N ASP B 257 11.20 25.21 8.73
CA ASP B 257 10.33 24.32 7.97
C ASP B 257 10.04 23.04 8.73
N HIS B 258 10.96 22.59 9.59
CA HIS B 258 10.76 21.29 10.23
C HIS B 258 9.58 21.31 11.18
N GLN B 259 9.29 22.47 11.78
CA GLN B 259 8.16 22.54 12.69
C GLN B 259 6.87 22.20 11.97
N TYR B 260 6.67 22.75 10.77
CA TYR B 260 5.45 22.46 10.04
C TYR B 260 5.47 21.10 9.37
N VAL B 261 6.66 20.55 9.08
CA VAL B 261 6.74 19.21 8.50
C VAL B 261 6.49 18.15 9.56
N ILE B 262 7.02 18.33 10.77
CA ILE B 262 6.75 17.41 11.87
C ILE B 262 5.25 17.37 12.16
N GLN B 263 4.65 18.53 12.38
CA GLN B 263 3.23 18.61 12.69
C GLN B 263 2.39 17.96 11.60
N GLY B 264 2.67 18.32 10.34
CA GLY B 264 1.81 17.98 9.23
C GLY B 264 1.96 16.56 8.71
N LEU B 265 3.18 16.05 8.63
CA LEU B 265 3.38 14.70 8.12
C LEU B 265 3.67 13.70 9.23
N ARG B 266 3.78 14.19 10.47
CA ARG B 266 3.98 13.36 11.65
C ARG B 266 5.21 12.46 11.54
N THR B 267 6.26 12.95 10.80
CA THR B 267 7.61 12.38 10.71
C THR B 267 8.58 13.17 11.59
N PRO B 268 9.33 12.54 12.49
CA PRO B 268 10.26 13.29 13.35
C PRO B 268 11.41 13.92 12.56
N CYS B 269 11.57 15.23 12.71
CA CYS B 269 12.56 16.00 11.94
C CYS B 269 13.41 16.85 12.87
N LEU B 270 14.69 17.02 12.50
CA LEU B 270 15.64 17.86 13.23
C LEU B 270 16.12 18.99 12.33
N ASP B 271 16.54 20.10 12.96
CA ASP B 271 16.99 21.29 12.25
C ASP B 271 18.47 21.52 12.55
N ILE B 272 19.30 21.50 11.51
CA ILE B 272 20.70 21.91 11.60
C ILE B 272 20.77 23.36 11.14
N ILE B 273 20.90 24.28 12.10
CA ILE B 273 20.85 25.71 11.84
C ILE B 273 21.84 26.40 12.77
N ASN B 274 22.60 27.34 12.21
CA ASN B 274 23.57 28.12 12.97
C ASN B 274 22.89 29.03 14.01
N TYR B 275 23.41 29.01 15.25
CA TYR B 275 23.02 29.93 16.32
C TYR B 275 24.19 30.79 16.79
N ASP B 276 23.98 32.11 16.86
CA ASP B 276 24.99 33.05 17.35
C ASP B 276 24.59 33.64 18.70
N PRO B 277 25.32 33.41 19.79
CA PRO B 277 24.94 33.97 21.10
C PRO B 277 25.31 35.43 21.32
N ASP B 278 26.11 36.03 20.45
CA ASP B 278 26.63 37.39 20.65
C ASP B 278 25.83 38.45 19.91
N THR B 279 24.74 38.05 19.24
CA THR B 279 23.90 38.91 18.42
C THR B 279 22.51 39.12 19.02
N GLN B 280 21.85 40.21 18.62
CA GLN B 280 20.46 40.43 19.03
C GLN B 280 19.52 39.37 18.45
N SER B 281 19.79 38.94 17.20
CA SER B 281 18.88 38.04 16.49
C SER B 281 19.08 36.56 16.85
N GLY B 282 20.25 36.16 17.33
CA GLY B 282 20.57 34.76 17.54
C GLY B 282 21.14 34.03 16.34
N PHE B 283 21.27 34.68 15.20
CA PHE B 283 21.86 34.17 13.98
C PHE B 283 23.08 35.04 13.63
N GLY B 284 23.80 34.67 12.58
CA GLY B 284 24.94 35.45 12.18
C GLY B 284 24.60 36.92 11.98
N PRO B 285 25.55 37.81 12.23
CA PRO B 285 25.26 39.25 12.18
C PRO B 285 24.75 39.73 10.82
N TYR B 286 24.97 38.96 9.75
CA TYR B 286 24.56 39.26 8.38
C TYR B 286 23.11 38.88 8.09
N TRP B 287 22.45 38.16 8.98
CA TRP B 287 21.14 37.59 8.72
C TRP B 287 20.13 38.66 8.31
N HIS B 288 19.50 38.44 7.16
CA HIS B 288 18.52 39.37 6.58
C HIS B 288 19.13 40.75 6.37
N THR B 289 20.43 40.80 6.10
CA THR B 289 21.08 42.03 5.66
C THR B 289 21.60 41.81 4.25
N GLN B 290 22.08 42.89 3.63
CA GLN B 290 22.67 42.69 2.31
C GLN B 290 24.04 42.01 2.36
N ASN B 291 24.60 41.76 3.54
CA ASN B 291 25.84 41.00 3.66
C ASN B 291 25.65 39.49 3.62
N ASP B 292 24.42 38.98 3.48
CA ASP B 292 24.26 37.53 3.37
C ASP B 292 24.64 37.12 1.94
N THR B 293 25.96 37.18 1.70
CA THR B 293 26.65 36.95 0.44
C THR B 293 27.66 35.84 0.64
N MET B 294 28.45 35.59 -0.40
CA MET B 294 29.55 34.62 -0.28
C MET B 294 30.54 35.00 0.81
N GLU B 295 30.55 36.26 1.25
CA GLU B 295 31.55 36.74 2.19
C GLU B 295 31.62 35.89 3.45
N ASN B 296 30.53 35.23 3.82
CA ASN B 296 30.51 34.49 5.07
C ASN B 296 30.72 32.99 4.88
N ILE B 297 30.65 32.49 3.65
CA ILE B 297 30.69 31.06 3.36
C ILE B 297 32.11 30.51 3.53
N ASP B 298 32.23 29.40 4.27
CA ASP B 298 33.48 28.72 4.58
C ASP B 298 33.33 27.28 4.12
N ARG B 299 34.16 26.86 3.15
CA ARG B 299 34.11 25.49 2.66
C ARG B 299 34.28 24.47 3.78
N GLU B 300 35.01 24.85 4.84
CA GLU B 300 35.23 23.95 5.97
C GLU B 300 33.93 23.62 6.68
N THR B 301 33.05 24.62 6.83
CA THR B 301 31.71 24.41 7.37
C THR B 301 30.94 23.44 6.48
N LEU B 302 31.01 23.65 5.17
CA LEU B 302 30.30 22.79 4.23
C LEU B 302 30.75 21.34 4.40
N LYS B 303 32.06 21.13 4.59
CA LYS B 303 32.57 19.78 4.78
C LYS B 303 31.99 19.15 6.03
N ALA B 304 31.97 19.91 7.13
CA ALA B 304 31.45 19.39 8.39
C ALA B 304 30.02 18.88 8.23
N VAL B 305 29.15 19.73 7.67
CA VAL B 305 27.74 19.35 7.55
C VAL B 305 27.58 18.19 6.57
N GLY B 306 28.26 18.26 5.42
CA GLY B 306 28.02 17.29 4.37
C GLY B 306 28.47 15.87 4.68
N GLU B 307 29.71 15.70 5.17
CA GLU B 307 30.20 14.36 5.52
C GLU B 307 29.38 13.73 6.64
N THR B 308 28.92 14.53 7.59
CA THR B 308 28.10 13.96 8.66
C THR B 308 26.79 13.43 8.11
N ILE B 309 26.09 14.23 7.31
CA ILE B 309 24.82 13.74 6.74
C ILE B 309 25.09 12.51 5.89
N LEU B 310 26.17 12.55 5.10
CA LEU B 310 26.58 11.40 4.29
C LEU B 310 26.86 10.18 5.16
N ASN B 311 27.65 10.36 6.24
CA ASN B 311 27.93 9.25 7.15
C ASN B 311 26.65 8.68 7.76
N VAL B 312 25.72 9.57 8.13
CA VAL B 312 24.45 9.18 8.75
C VAL B 312 23.58 8.44 7.75
N ILE B 313 23.52 8.90 6.50
CA ILE B 313 22.60 8.33 5.54
C ILE B 313 23.04 6.93 5.13
N TYR B 314 24.35 6.73 4.89
CA TYR B 314 24.82 5.44 4.38
C TYR B 314 24.82 4.36 5.46
N ASN B 315 24.82 4.73 6.73
CA ASN B 315 24.76 3.73 7.79
C ASN B 315 23.34 3.47 8.27
N GLU B 316 22.34 4.17 7.73
CA GLU B 316 20.97 3.78 8.01
C GLU B 316 20.59 2.58 7.16
N LYS B 317 19.92 1.64 7.79
CA LYS B 317 19.36 0.47 7.12
C LYS B 317 17.84 0.41 7.36
N PRO C 27 -32.00 -9.24 -0.08
CA PRO C 27 -31.42 -7.94 -0.41
C PRO C 27 -31.11 -7.81 -1.89
N THR C 28 -30.67 -6.62 -2.28
CA THR C 28 -30.37 -6.33 -3.66
C THR C 28 -28.87 -6.47 -3.86
N PHE C 29 -28.47 -7.20 -4.89
CA PHE C 29 -27.06 -7.37 -5.18
C PHE C 29 -26.57 -6.18 -5.99
N ASN C 30 -25.56 -5.49 -5.50
CA ASN C 30 -24.98 -4.37 -6.25
C ASN C 30 -23.89 -4.94 -7.13
N ALA C 31 -24.23 -5.17 -8.40
CA ALA C 31 -23.29 -5.69 -9.38
C ALA C 31 -22.16 -4.71 -9.65
N ASP C 32 -22.44 -3.41 -9.57
CA ASP C 32 -21.39 -2.42 -9.77
C ASP C 32 -20.27 -2.59 -8.76
N SER C 33 -20.63 -2.95 -7.52
CA SER C 33 -19.63 -3.17 -6.47
C SER C 33 -18.80 -4.42 -6.76
N ALA C 34 -19.45 -5.55 -7.10
CA ALA C 34 -18.71 -6.76 -7.43
C ALA C 34 -17.78 -6.55 -8.61
N TYR C 35 -18.26 -5.79 -9.60
CA TYR C 35 -17.45 -5.39 -10.74
C TYR C 35 -16.24 -4.57 -10.32
N ALA C 36 -16.45 -3.64 -9.39
CA ALA C 36 -15.34 -2.86 -8.84
C ALA C 36 -14.37 -3.76 -8.06
N TYR C 37 -14.91 -4.76 -7.37
CA TYR C 37 -14.08 -5.72 -6.65
C TYR C 37 -13.18 -6.53 -7.59
N ILE C 38 -13.70 -6.96 -8.74
CA ILE C 38 -12.88 -7.63 -9.75
C ILE C 38 -11.77 -6.72 -10.26
N GLU C 39 -12.12 -5.48 -10.62
CA GLU C 39 -11.14 -4.56 -11.19
C GLU C 39 -9.99 -4.30 -10.21
N ARG C 40 -10.29 -4.25 -8.91
CA ARG C 40 -9.27 -4.00 -7.91
C ARG C 40 -8.30 -5.17 -7.80
N GLN C 41 -8.83 -6.41 -7.79
CA GLN C 41 -7.98 -7.60 -7.80
C GLN C 41 -7.04 -7.57 -8.99
N VAL C 42 -7.60 -7.36 -10.20
CA VAL C 42 -6.83 -7.29 -11.43
C VAL C 42 -5.78 -6.19 -11.38
N ALA C 43 -6.08 -5.11 -10.67
CA ALA C 43 -5.20 -3.95 -10.64
C ALA C 43 -3.89 -4.20 -9.94
N PHE C 44 -3.78 -5.25 -9.12
CA PHE C 44 -2.52 -5.60 -8.47
C PHE C 44 -1.48 -6.11 -9.45
N GLY C 45 -1.89 -6.53 -10.63
CA GLY C 45 -1.07 -7.38 -11.46
C GLY C 45 -1.47 -8.81 -11.15
N PRO C 46 -1.01 -9.77 -11.96
CA PRO C 46 -1.45 -11.15 -11.76
C PRO C 46 -1.15 -11.65 -10.36
N ARG C 47 -2.14 -12.31 -9.76
CA ARG C 47 -2.00 -12.84 -8.40
C ARG C 47 -1.31 -14.20 -8.44
N VAL C 48 -0.07 -14.19 -8.92
CA VAL C 48 0.68 -15.44 -9.07
C VAL C 48 1.32 -15.79 -7.73
N PRO C 49 1.11 -17.01 -7.21
CA PRO C 49 1.66 -17.36 -5.89
C PRO C 49 3.14 -17.05 -5.78
N ASN C 50 3.51 -16.50 -4.63
CA ASN C 50 4.83 -16.08 -4.16
C ASN C 50 5.25 -14.73 -4.71
N THR C 51 4.37 -14.00 -5.39
CA THR C 51 4.71 -12.69 -5.94
C THR C 51 4.16 -11.59 -5.06
N GLU C 52 4.62 -10.39 -5.35
CA GLU C 52 4.17 -9.17 -4.66
C GLU C 52 2.68 -8.92 -4.87
N ALA C 53 2.20 -9.06 -6.12
CA ALA C 53 0.77 -8.88 -6.39
C ALA C 53 -0.07 -9.90 -5.63
N HIS C 54 0.40 -11.15 -5.57
CA HIS C 54 -0.27 -12.20 -4.83
C HIS C 54 -0.42 -11.85 -3.34
N GLN C 55 0.64 -11.35 -2.72
CA GLN C 55 0.59 -10.99 -1.31
C GLN C 55 -0.33 -9.80 -1.07
N ARG C 56 -0.18 -8.76 -1.89
CA ARG C 56 -1.01 -7.57 -1.78
C ARG C 56 -2.50 -7.91 -1.89
N CYS C 57 -2.83 -8.85 -2.77
CA CYS C 57 -4.22 -9.26 -2.94
C CYS C 57 -4.74 -10.05 -1.74
N ALA C 58 -3.93 -10.95 -1.19
CA ALA C 58 -4.34 -11.64 0.03
C ALA C 58 -4.69 -10.64 1.13
N ASP C 59 -3.83 -9.63 1.32
CA ASP C 59 -4.08 -8.62 2.34
C ASP C 59 -5.41 -7.94 2.12
N TYR C 60 -5.67 -7.56 0.87
CA TYR C 60 -6.91 -6.89 0.51
C TYR C 60 -8.11 -7.83 0.69
N LEU C 61 -7.99 -9.06 0.19
CA LEU C 61 -9.11 -10.01 0.25
C LEU C 61 -9.42 -10.38 1.70
N ALA C 62 -8.40 -10.68 2.51
CA ALA C 62 -8.64 -10.94 3.92
C ALA C 62 -9.17 -9.70 4.62
N GLY C 63 -8.59 -8.53 4.31
CA GLY C 63 -9.03 -7.29 4.93
C GLY C 63 -10.49 -6.97 4.66
N GLU C 64 -10.94 -7.18 3.43
CA GLU C 64 -12.32 -6.88 3.06
C GLU C 64 -13.31 -7.78 3.79
N LEU C 65 -12.99 -9.06 3.95
CA LEU C 65 -13.86 -9.97 4.69
C LEU C 65 -14.00 -9.49 6.13
N ASP C 66 -12.88 -9.14 6.76
CA ASP C 66 -12.90 -8.58 8.11
C ASP C 66 -13.62 -7.25 8.11
N ARG C 67 -13.36 -6.42 7.09
CA ARG C 67 -14.02 -5.13 6.97
C ARG C 67 -15.54 -5.29 6.91
N HIS C 68 -16.02 -6.46 6.46
CA HIS C 68 -17.45 -6.73 6.36
C HIS C 68 -17.94 -7.79 7.36
N GLY C 69 -17.31 -7.88 8.53
CA GLY C 69 -17.90 -8.59 9.65
C GLY C 69 -17.56 -10.07 9.78
N ALA C 70 -16.81 -10.62 8.84
CA ALA C 70 -16.44 -12.02 8.91
C ALA C 70 -15.37 -12.23 9.98
N LYS C 71 -15.38 -13.41 10.58
CA LYS C 71 -14.22 -13.88 11.33
C LYS C 71 -13.23 -14.49 10.33
N VAL C 72 -12.07 -13.86 10.18
CA VAL C 72 -11.15 -14.17 9.08
C VAL C 72 -10.02 -15.06 9.59
N TYR C 73 -9.85 -16.20 8.92
CA TYR C 73 -8.71 -17.09 9.09
C TYR C 73 -7.99 -17.19 7.76
N VAL C 74 -6.68 -17.00 7.77
CA VAL C 74 -5.83 -17.13 6.59
C VAL C 74 -4.99 -18.38 6.83
N GLN C 75 -5.28 -19.43 6.07
CA GLN C 75 -4.53 -20.68 6.17
C GLN C 75 -3.30 -20.57 5.29
N GLU C 76 -2.12 -20.52 5.92
CA GLU C 76 -0.84 -20.44 5.24
C GLU C 76 -0.16 -21.81 5.22
N ALA C 77 0.06 -22.33 4.03
CA ALA C 77 0.71 -23.62 3.81
C ALA C 77 1.60 -23.53 2.59
N VAL C 78 2.73 -24.24 2.63
CA VAL C 78 3.67 -24.28 1.52
C VAL C 78 3.29 -25.44 0.61
N LEU C 79 2.87 -25.13 -0.60
CA LEU C 79 2.43 -26.14 -1.54
C LEU C 79 3.46 -26.27 -2.64
N THR C 80 3.60 -27.47 -3.18
CA THR C 80 4.62 -27.76 -4.18
C THR C 80 3.92 -27.90 -5.51
N ALA C 81 4.32 -27.08 -6.48
CA ALA C 81 3.77 -27.14 -7.83
C ALA C 81 4.28 -28.37 -8.57
N TYR C 82 3.71 -28.60 -9.76
CA TYR C 82 4.07 -29.72 -10.60
C TYR C 82 5.57 -29.74 -10.89
N ASN C 83 6.20 -28.57 -10.91
CA ASN C 83 7.61 -28.39 -11.25
C ASN C 83 8.51 -28.34 -10.03
N GLY C 84 8.01 -28.73 -8.86
CA GLY C 84 8.81 -28.69 -7.65
C GLY C 84 8.88 -27.35 -6.98
N GLU C 85 8.27 -26.33 -7.58
CA GLU C 85 8.25 -25.00 -7.01
C GLU C 85 7.51 -24.99 -5.67
N LYS C 86 8.11 -24.36 -4.67
CA LYS C 86 7.49 -24.23 -3.35
C LYS C 86 6.63 -22.96 -3.32
N LEU C 87 5.32 -23.13 -3.16
CA LEU C 87 4.37 -22.03 -3.22
C LEU C 87 3.89 -21.62 -1.84
N LYS C 88 3.97 -20.32 -1.53
CA LYS C 88 3.41 -19.76 -0.30
C LYS C 88 1.93 -19.47 -0.50
N ALA C 89 1.09 -20.43 -0.13
CA ALA C 89 -0.35 -20.34 -0.37
C ALA C 89 -1.06 -19.75 0.83
N GLN C 90 -2.10 -18.98 0.56
CA GLN C 90 -2.92 -18.39 1.60
C GLN C 90 -4.35 -18.72 1.21
N ASN C 91 -4.93 -19.73 1.86
CA ASN C 91 -6.36 -19.98 1.76
C ASN C 91 -7.06 -19.06 2.76
N ILE C 92 -7.96 -18.23 2.29
CA ILE C 92 -8.55 -17.16 3.11
C ILE C 92 -10.00 -17.52 3.41
N VAL C 93 -10.32 -17.65 4.69
CA VAL C 93 -11.62 -18.14 5.13
C VAL C 93 -12.35 -17.01 5.85
N GLY C 94 -13.56 -16.72 5.41
CA GLY C 94 -14.40 -15.76 6.10
C GLY C 94 -15.62 -16.39 6.73
N ALA C 95 -15.67 -16.39 8.05
CA ALA C 95 -16.76 -17.04 8.78
C ALA C 95 -17.74 -15.98 9.29
N PHE C 96 -19.00 -16.09 8.86
CA PHE C 96 -20.05 -15.19 9.29
C PHE C 96 -20.97 -15.93 10.24
N GLN C 97 -21.28 -15.31 11.37
CA GLN C 97 -22.11 -15.92 12.40
C GLN C 97 -21.69 -17.37 12.69
N PRO C 98 -20.44 -17.58 13.12
CA PRO C 98 -19.92 -18.97 13.23
C PRO C 98 -20.66 -19.83 14.25
N GLU C 99 -21.48 -19.24 15.10
CA GLU C 99 -22.27 -20.00 16.06
C GLU C 99 -23.44 -20.73 15.41
N LYS C 100 -23.82 -20.35 14.19
CA LYS C 100 -24.92 -21.01 13.49
C LYS C 100 -24.51 -22.42 13.08
N SER C 101 -25.32 -23.42 13.43
CA SER C 101 -24.98 -24.78 13.05
C SER C 101 -25.43 -25.10 11.64
N ARG C 102 -26.43 -24.40 11.12
CA ARG C 102 -26.78 -24.51 9.71
C ARG C 102 -26.00 -23.44 8.96
N ARG C 103 -25.13 -23.89 8.07
CA ARG C 103 -24.17 -23.04 7.39
C ARG C 103 -24.15 -23.39 5.92
N VAL C 104 -23.82 -22.42 5.09
CA VAL C 104 -23.53 -22.65 3.69
C VAL C 104 -22.13 -22.10 3.39
N LEU C 105 -21.35 -22.89 2.66
CA LEU C 105 -20.01 -22.54 2.20
C LEU C 105 -20.10 -21.91 0.80
N LEU C 106 -19.46 -20.76 0.62
CA LEU C 106 -19.34 -20.10 -0.68
C LEU C 106 -17.86 -19.99 -1.03
N PHE C 107 -17.44 -20.52 -2.18
CA PHE C 107 -16.00 -20.46 -2.43
C PHE C 107 -15.65 -20.14 -3.87
N ALA C 108 -14.38 -19.76 -4.05
CA ALA C 108 -13.77 -19.32 -5.29
C ALA C 108 -12.26 -19.39 -5.11
N HIS C 109 -11.55 -19.53 -6.22
CA HIS C 109 -10.10 -19.44 -6.22
C HIS C 109 -9.70 -18.02 -6.59
N TRP C 110 -8.61 -17.54 -5.98
CA TRP C 110 -8.24 -16.15 -6.12
C TRP C 110 -6.89 -15.88 -6.78
N ASP C 111 -6.04 -16.88 -6.91
CA ASP C 111 -4.77 -16.70 -7.59
C ASP C 111 -4.95 -16.57 -9.11
N SER C 112 -3.90 -16.09 -9.75
CA SER C 112 -3.85 -16.03 -11.20
C SER C 112 -2.90 -17.08 -11.75
N ARG C 113 -3.27 -17.63 -12.89
CA ARG C 113 -2.42 -18.59 -13.56
C ARG C 113 -1.13 -17.90 -14.00
N PRO C 114 0.04 -18.51 -13.77
CA PRO C 114 1.29 -17.88 -14.22
C PRO C 114 1.53 -18.05 -15.71
N TYR C 115 0.75 -18.86 -16.40
CA TYR C 115 1.02 -19.19 -17.79
C TYR C 115 -0.19 -18.87 -18.63
N ALA C 116 0.00 -18.08 -19.69
CA ALA C 116 -1.00 -17.94 -20.73
C ALA C 116 -0.84 -19.07 -21.74
N ASP C 117 -0.99 -20.30 -21.24
CA ASP C 117 -0.52 -21.43 -22.01
C ASP C 117 -1.41 -21.77 -23.20
N HIS C 118 -2.59 -21.15 -23.33
CA HIS C 118 -3.40 -21.29 -24.53
C HIS C 118 -3.41 -20.03 -25.39
N ASP C 119 -2.59 -19.03 -25.07
CA ASP C 119 -2.50 -17.86 -25.94
C ASP C 119 -2.00 -18.25 -27.32
N THR C 120 -2.44 -17.49 -28.33
CA THR C 120 -2.00 -17.73 -29.69
C THR C 120 -0.53 -17.39 -29.87
N ASP C 121 0.00 -16.51 -29.03
CA ASP C 121 1.39 -16.09 -29.07
C ASP C 121 2.21 -16.91 -28.08
N GLU C 122 3.18 -17.68 -28.62
CA GLU C 122 4.05 -18.50 -27.81
C GLU C 122 4.83 -17.66 -26.81
N ALA C 123 5.07 -16.38 -27.12
CA ALA C 123 5.74 -15.50 -26.16
C ALA C 123 4.94 -15.33 -24.88
N ASN C 124 3.64 -15.61 -24.89
CA ASN C 124 2.84 -15.44 -23.68
C ASN C 124 2.76 -16.69 -22.83
N HIS C 125 3.28 -17.81 -23.32
CA HIS C 125 3.00 -19.09 -22.66
C HIS C 125 3.62 -19.16 -21.27
N ARG C 126 4.69 -18.41 -21.01
CA ARG C 126 5.24 -18.37 -19.67
C ARG C 126 5.04 -17.03 -18.99
N LYS C 127 4.10 -16.22 -19.52
CA LYS C 127 3.73 -14.92 -18.98
C LYS C 127 2.44 -15.05 -18.18
N PRO C 128 2.34 -14.42 -17.01
CA PRO C 128 1.13 -14.56 -16.20
C PRO C 128 -0.07 -13.88 -16.85
N ILE C 129 -1.26 -14.30 -16.41
CA ILE C 129 -2.50 -13.70 -16.88
C ILE C 129 -3.14 -12.87 -15.77
N ASP C 130 -3.89 -11.85 -16.19
CA ASP C 130 -4.63 -11.04 -15.20
C ASP C 130 -5.74 -11.84 -14.54
N GLY C 131 -6.28 -12.84 -15.23
CA GLY C 131 -7.32 -13.68 -14.66
C GLY C 131 -8.54 -12.92 -14.19
N ALA C 132 -9.03 -11.98 -14.99
CA ALA C 132 -10.20 -11.20 -14.59
C ALA C 132 -11.41 -12.11 -14.40
N ASP C 133 -11.72 -12.96 -15.37
CA ASP C 133 -12.85 -13.87 -15.21
C ASP C 133 -12.46 -15.16 -14.49
N ASP C 134 -11.28 -15.68 -14.79
CA ASP C 134 -10.75 -16.93 -14.23
C ASP C 134 -9.96 -16.55 -12.98
N GLY C 135 -10.66 -16.46 -11.86
CA GLY C 135 -10.10 -15.91 -10.64
C GLY C 135 -10.82 -14.70 -10.07
N GLY C 136 -10.81 -13.59 -10.80
CA GLY C 136 -11.37 -12.36 -10.25
C GLY C 136 -12.88 -12.41 -10.07
N SER C 137 -13.59 -13.02 -11.03
CA SER C 137 -15.05 -12.96 -11.06
C SER C 137 -15.68 -13.58 -9.81
N GLY C 138 -15.26 -14.81 -9.47
CA GLY C 138 -15.91 -15.50 -8.36
C GLY C 138 -15.65 -14.84 -7.01
N VAL C 139 -14.45 -14.32 -6.80
CA VAL C 139 -14.16 -13.62 -5.55
C VAL C 139 -14.95 -12.31 -5.46
N GLY C 140 -15.00 -11.56 -6.56
CA GLY C 140 -15.68 -10.28 -6.53
C GLY C 140 -17.14 -10.41 -6.18
N ILE C 141 -17.81 -11.44 -6.70
CA ILE C 141 -19.19 -11.70 -6.31
C ILE C 141 -19.26 -12.01 -4.80
N LEU C 142 -18.36 -12.86 -4.32
CA LEU C 142 -18.39 -13.26 -2.92
C LEU C 142 -18.06 -12.11 -1.98
N LEU C 143 -17.24 -11.16 -2.42
CA LEU C 143 -16.95 -10.01 -1.58
C LEU C 143 -18.17 -9.11 -1.46
N GLU C 144 -18.89 -8.92 -2.56
CA GLU C 144 -20.13 -8.14 -2.54
C GLU C 144 -21.21 -8.84 -1.73
N ILE C 145 -21.29 -10.17 -1.82
CA ILE C 145 -22.18 -10.94 -0.94
C ILE C 145 -21.90 -10.60 0.52
N ALA C 146 -20.62 -10.61 0.90
CA ALA C 146 -20.22 -10.29 2.27
C ALA C 146 -20.76 -8.92 2.69
N ARG C 147 -20.78 -7.97 1.76
CA ARG C 147 -21.36 -6.66 2.06
C ARG C 147 -22.83 -6.79 2.44
N GLN C 148 -23.61 -7.52 1.62
CA GLN C 148 -25.03 -7.70 1.86
C GLN C 148 -25.32 -8.55 3.09
N ILE C 149 -24.57 -9.63 3.31
CA ILE C 149 -24.92 -10.47 4.45
C ILE C 149 -24.45 -9.86 5.75
N GLN C 150 -23.53 -8.90 5.69
CA GLN C 150 -23.26 -8.06 6.85
C GLN C 150 -24.42 -7.10 7.12
N ALA C 151 -25.04 -6.56 6.06
CA ALA C 151 -26.01 -5.50 6.23
C ALA C 151 -27.35 -6.03 6.75
N LYS C 152 -27.69 -7.25 6.39
CA LYS C 152 -28.93 -7.88 6.81
C LYS C 152 -28.58 -9.35 7.01
N ALA C 153 -28.46 -9.77 8.27
CA ALA C 153 -27.92 -11.09 8.57
C ALA C 153 -28.90 -12.17 8.09
N PRO C 154 -28.41 -13.19 7.40
CA PRO C 154 -29.28 -14.31 7.03
C PRO C 154 -29.59 -15.22 8.21
N ALA C 155 -30.52 -16.16 7.96
CA ALA C 155 -30.86 -17.14 8.97
C ALA C 155 -29.76 -18.17 9.17
N ILE C 156 -28.99 -18.46 8.12
CA ILE C 156 -27.97 -19.48 8.16
C ILE C 156 -26.59 -18.84 8.34
N GLY C 157 -25.65 -19.62 8.86
CA GLY C 157 -24.26 -19.20 8.85
C GLY C 157 -23.67 -19.30 7.46
N ILE C 158 -22.67 -18.47 7.19
CA ILE C 158 -22.03 -18.42 5.88
C ILE C 158 -20.52 -18.45 6.03
N ASP C 159 -19.86 -19.36 5.30
CA ASP C 159 -18.41 -19.39 5.21
C ASP C 159 -17.98 -19.09 3.79
N ILE C 160 -17.24 -17.99 3.62
CA ILE C 160 -16.65 -17.61 2.35
C ILE C 160 -15.18 -18.00 2.39
N VAL C 161 -14.74 -18.80 1.41
CA VAL C 161 -13.35 -19.28 1.35
C VAL C 161 -12.77 -19.02 -0.03
N PHE C 162 -11.65 -18.29 -0.06
CA PHE C 162 -10.88 -18.04 -1.28
C PHE C 162 -9.63 -18.93 -1.33
N PHE C 163 -9.62 -19.89 -2.25
CA PHE C 163 -8.54 -20.86 -2.36
C PHE C 163 -7.42 -20.39 -3.28
N ASP C 164 -6.20 -20.59 -2.83
CA ASP C 164 -4.99 -20.26 -3.56
C ASP C 164 -4.57 -21.42 -4.45
N ALA C 165 -3.67 -21.13 -5.38
CA ALA C 165 -2.92 -22.14 -6.13
C ALA C 165 -3.83 -23.16 -6.83
N GLU C 166 -5.00 -22.70 -7.29
CA GLU C 166 -5.90 -23.56 -8.05
C GLU C 166 -5.46 -23.69 -9.50
N ASP C 167 -4.77 -22.66 -10.01
CA ASP C 167 -4.56 -22.49 -11.44
C ASP C 167 -3.08 -22.57 -11.82
N TYR C 168 -2.27 -23.31 -11.04
CA TYR C 168 -0.83 -23.44 -11.23
C TYR C 168 -0.45 -24.82 -11.76
N GLY C 169 -1.36 -25.47 -12.49
CA GLY C 169 -1.15 -26.82 -12.95
C GLY C 169 -0.25 -26.91 -14.17
N THR C 170 0.00 -28.13 -14.59
CA THR C 170 0.83 -28.44 -15.74
C THR C 170 0.40 -27.64 -16.96
N PRO C 171 1.30 -26.86 -17.58
CA PRO C 171 0.96 -26.12 -18.80
C PRO C 171 0.87 -27.02 -20.02
N GLU C 172 0.26 -26.45 -21.07
CA GLU C 172 0.11 -27.13 -22.35
C GLU C 172 1.45 -27.57 -22.96
N PHE C 173 2.49 -26.80 -22.76
CA PHE C 173 3.79 -27.03 -23.39
C PHE C 173 4.69 -27.99 -22.63
N VAL C 174 4.19 -28.74 -21.65
CA VAL C 174 5.03 -29.66 -20.88
C VAL C 174 4.63 -31.10 -21.19
N ASP C 175 5.64 -31.93 -21.43
CA ASP C 175 5.42 -33.29 -21.90
C ASP C 175 5.01 -34.21 -20.76
N GLU C 176 5.54 -33.96 -19.58
CA GLU C 176 5.35 -34.85 -18.45
C GLU C 176 3.95 -34.66 -17.84
N TYR C 177 3.29 -35.77 -17.53
CA TYR C 177 2.02 -35.73 -16.82
C TYR C 177 2.22 -35.99 -15.34
N LYS C 178 1.57 -35.18 -14.51
CA LYS C 178 1.54 -35.49 -13.10
C LYS C 178 0.10 -35.29 -12.63
N PRO C 179 -0.41 -36.14 -11.77
CA PRO C 179 -1.80 -35.97 -11.31
C PRO C 179 -1.95 -34.87 -10.29
N ASP C 180 -3.17 -34.32 -10.24
CA ASP C 180 -3.62 -33.42 -9.17
C ASP C 180 -2.76 -32.17 -9.06
N THR C 181 -2.27 -31.63 -10.18
CA THR C 181 -1.46 -30.41 -10.08
C THR C 181 -2.30 -29.15 -10.02
N TRP C 182 -3.59 -29.25 -10.30
CA TRP C 182 -4.52 -28.15 -10.12
C TRP C 182 -5.11 -28.19 -8.72
N CYS C 183 -5.71 -27.06 -8.33
CA CYS C 183 -6.47 -26.97 -7.08
C CYS C 183 -5.63 -27.38 -5.87
N LEU C 184 -4.41 -26.83 -5.80
CA LEU C 184 -3.54 -27.18 -4.67
C LEU C 184 -4.11 -26.65 -3.36
N GLY C 185 -4.71 -25.44 -3.40
CA GLY C 185 -5.19 -24.86 -2.17
C GLY C 185 -6.38 -25.62 -1.59
N SER C 186 -7.34 -25.97 -2.44
CA SER C 186 -8.49 -26.72 -1.94
C SER C 186 -8.12 -28.15 -1.57
N GLN C 187 -7.09 -28.73 -2.21
CA GLN C 187 -6.65 -30.05 -1.81
C GLN C 187 -6.11 -30.04 -0.38
N PHE C 188 -5.19 -29.11 -0.09
CA PHE C 188 -4.64 -29.03 1.25
C PHE C 188 -5.70 -28.72 2.30
N TRP C 189 -6.57 -27.74 2.02
CA TRP C 189 -7.53 -27.32 3.03
C TRP C 189 -8.45 -28.45 3.42
N ALA C 190 -8.94 -29.20 2.42
CA ALA C 190 -9.81 -30.35 2.63
C ALA C 190 -9.09 -31.60 3.13
N LYS C 191 -7.83 -31.83 2.73
CA LYS C 191 -7.21 -33.16 2.86
C LYS C 191 -6.60 -33.43 4.22
N ASN C 192 -6.27 -32.40 4.97
CA ASN C 192 -5.86 -32.52 6.35
C ASN C 192 -6.85 -31.70 7.15
N PRO C 193 -6.95 -31.90 8.46
CA PRO C 193 -7.91 -31.11 9.20
C PRO C 193 -7.49 -29.66 9.13
N HIS C 194 -8.47 -28.78 9.20
CA HIS C 194 -8.23 -27.37 9.03
C HIS C 194 -9.06 -26.61 10.04
N VAL C 195 -8.76 -25.33 10.17
CA VAL C 195 -9.40 -24.49 11.18
C VAL C 195 -10.17 -23.40 10.45
N PRO C 196 -11.41 -23.09 10.86
CA PRO C 196 -12.31 -23.78 11.81
C PRO C 196 -12.77 -25.18 11.36
N ASN C 197 -13.20 -25.99 12.32
CA ASN C 197 -13.76 -27.30 12.04
C ASN C 197 -15.29 -27.22 12.16
N TYR C 198 -15.88 -26.44 11.26
CA TYR C 198 -17.34 -26.37 11.19
C TYR C 198 -17.91 -27.45 10.29
N LYS C 199 -19.22 -27.38 10.10
CA LYS C 199 -20.01 -28.27 9.27
C LYS C 199 -20.96 -27.39 8.49
N ALA C 200 -21.16 -27.70 7.21
CA ALA C 200 -22.00 -26.89 6.32
C ALA C 200 -23.02 -27.77 5.63
N GLU C 201 -24.20 -27.20 5.41
CA GLU C 201 -25.26 -27.92 4.72
C GLU C 201 -24.88 -28.26 3.28
N PHE C 202 -24.37 -27.28 2.53
CA PHE C 202 -23.81 -27.58 1.22
C PHE C 202 -22.82 -26.47 0.85
N GLY C 203 -22.14 -26.66 -0.26
CA GLY C 203 -21.15 -25.69 -0.71
C GLY C 203 -21.36 -25.32 -2.16
N ILE C 204 -21.01 -24.07 -2.48
CA ILE C 204 -21.14 -23.52 -3.84
C ILE C 204 -19.80 -22.92 -4.22
N LEU C 205 -19.22 -23.40 -5.32
CA LEU C 205 -18.01 -22.85 -5.92
C LEU C 205 -18.37 -21.95 -7.10
N LEU C 206 -17.74 -20.79 -7.17
CA LEU C 206 -17.91 -19.88 -8.30
C LEU C 206 -16.59 -19.77 -9.07
N ASP C 207 -16.62 -20.11 -10.36
CA ASP C 207 -15.41 -20.09 -11.19
C ASP C 207 -15.73 -19.66 -12.62
N MET C 208 -15.09 -18.59 -13.09
CA MET C 208 -15.33 -18.04 -14.43
C MET C 208 -16.82 -17.70 -14.62
N VAL C 209 -17.26 -16.72 -13.82
CA VAL C 209 -18.67 -16.42 -13.68
C VAL C 209 -19.05 -14.96 -13.98
N GLY C 210 -18.27 -14.28 -14.81
CA GLY C 210 -18.58 -12.89 -15.14
C GLY C 210 -18.57 -12.51 -16.61
N SER C 211 -18.40 -13.48 -17.50
CA SER C 211 -18.17 -13.16 -18.90
C SER C 211 -19.48 -12.88 -19.63
N ARG C 212 -19.39 -12.02 -20.64
CA ARG C 212 -20.53 -11.79 -21.51
C ARG C 212 -20.89 -13.07 -22.25
N GLY C 213 -22.16 -13.44 -22.17
CA GLY C 213 -22.59 -14.64 -22.83
C GLY C 213 -22.29 -15.92 -22.10
N ALA C 214 -21.89 -15.83 -20.83
CA ALA C 214 -21.61 -17.01 -20.02
C ALA C 214 -22.85 -17.87 -19.91
N THR C 215 -22.66 -19.19 -19.90
CA THR C 215 -23.76 -20.13 -19.77
C THR C 215 -23.37 -21.20 -18.78
N PHE C 216 -24.16 -21.34 -17.72
CA PHE C 216 -23.87 -22.26 -16.63
C PHE C 216 -24.74 -23.50 -16.79
N TYR C 217 -24.16 -24.58 -17.28
CA TYR C 217 -24.79 -25.90 -17.32
C TYR C 217 -24.58 -26.64 -15.99
N LYS C 218 -25.34 -27.72 -15.82
CA LYS C 218 -25.24 -28.54 -14.62
C LYS C 218 -24.02 -29.46 -14.69
N GLU C 219 -23.05 -29.21 -13.83
CA GLU C 219 -21.76 -29.89 -13.88
C GLU C 219 -21.86 -31.29 -13.28
N SER C 220 -21.11 -32.23 -13.86
CA SER C 220 -21.38 -33.63 -13.59
C SER C 220 -21.07 -33.99 -12.13
N THR C 221 -19.88 -33.61 -11.66
CA THR C 221 -19.56 -33.86 -10.25
C THR C 221 -20.56 -33.16 -9.34
N SER C 222 -21.05 -31.99 -9.75
CA SER C 222 -22.06 -31.27 -8.97
C SER C 222 -23.39 -32.03 -8.93
N VAL C 223 -23.88 -32.51 -10.08
CA VAL C 223 -25.16 -33.22 -10.08
C VAL C 223 -25.04 -34.60 -9.44
N GLN C 224 -23.89 -35.25 -9.58
CA GLN C 224 -23.71 -36.54 -8.91
C GLN C 224 -23.75 -36.39 -7.39
N TYR C 225 -23.01 -35.41 -6.85
CA TYR C 225 -22.80 -35.34 -5.41
C TYR C 225 -23.65 -34.28 -4.71
N ALA C 226 -24.30 -33.39 -5.45
CA ALA C 226 -25.08 -32.33 -4.86
C ALA C 226 -26.36 -32.10 -5.65
N ALA C 227 -26.97 -33.19 -6.17
CA ALA C 227 -28.07 -33.11 -7.13
C ALA C 227 -29.19 -32.20 -6.63
N ARG C 228 -29.59 -32.36 -5.37
CA ARG C 228 -30.66 -31.57 -4.78
C ARG C 228 -30.32 -30.10 -4.79
N TYR C 229 -29.03 -29.78 -4.71
CA TYR C 229 -28.61 -28.39 -4.63
C TYR C 229 -28.39 -27.76 -5.98
N VAL C 230 -27.96 -28.53 -6.97
CA VAL C 230 -28.01 -28.06 -8.35
C VAL C 230 -29.45 -27.66 -8.72
N GLU C 231 -30.41 -28.52 -8.37
CA GLU C 231 -31.82 -28.20 -8.61
C GLU C 231 -32.25 -26.98 -7.82
N LYS C 232 -31.80 -26.88 -6.57
CA LYS C 232 -32.11 -25.75 -5.71
C LYS C 232 -31.60 -24.44 -6.32
N VAL C 233 -30.36 -24.45 -6.81
CA VAL C 233 -29.74 -23.24 -7.32
C VAL C 233 -30.37 -22.82 -8.64
N TRP C 234 -30.54 -23.77 -9.57
CA TRP C 234 -31.05 -23.44 -10.90
C TRP C 234 -32.51 -22.95 -10.84
N THR C 235 -33.29 -23.45 -9.87
CA THR C 235 -34.66 -23.00 -9.70
C THR C 235 -34.74 -21.53 -9.28
N ALA C 236 -33.99 -21.13 -8.26
CA ALA C 236 -33.98 -19.71 -7.89
C ALA C 236 -33.51 -18.84 -9.04
N ALA C 237 -32.47 -19.29 -9.77
CA ALA C 237 -31.94 -18.54 -10.90
C ALA C 237 -33.00 -18.31 -11.98
N ARG C 238 -33.82 -19.33 -12.25
CA ARG C 238 -34.86 -19.17 -13.26
C ARG C 238 -36.01 -18.31 -12.75
N GLU C 239 -36.40 -18.52 -11.49
CA GLU C 239 -37.46 -17.71 -10.91
C GLU C 239 -37.13 -16.23 -11.00
N LEU C 240 -35.85 -15.89 -10.82
CA LEU C 240 -35.42 -14.49 -10.86
C LEU C 240 -35.25 -13.99 -12.29
N GLY C 241 -35.37 -14.87 -13.27
CA GLY C 241 -35.22 -14.51 -14.67
C GLY C 241 -33.86 -14.73 -15.27
N TYR C 242 -33.01 -15.58 -14.69
CA TYR C 242 -31.65 -15.74 -15.18
C TYR C 242 -31.45 -17.08 -15.87
N GLY C 243 -32.53 -17.65 -16.42
CA GLY C 243 -32.44 -18.87 -17.17
C GLY C 243 -31.62 -18.74 -18.43
N LYS C 244 -31.49 -17.51 -18.95
CA LYS C 244 -30.62 -17.24 -20.08
C LYS C 244 -29.17 -17.44 -19.71
N TYR C 245 -28.84 -17.39 -18.42
CA TYR C 245 -27.53 -17.72 -17.91
C TYR C 245 -27.48 -19.15 -17.40
N PHE C 246 -28.44 -19.56 -16.58
CA PHE C 246 -28.44 -20.89 -15.98
C PHE C 246 -29.29 -21.84 -16.82
N ILE C 247 -28.63 -22.58 -17.70
CA ILE C 247 -29.32 -23.46 -18.65
C ILE C 247 -29.66 -24.76 -17.94
N ASN C 248 -30.86 -25.28 -18.19
CA ASN C 248 -31.30 -26.58 -17.69
C ASN C 248 -30.86 -27.66 -18.67
N ALA C 249 -29.59 -28.02 -18.54
CA ALA C 249 -28.98 -29.07 -19.34
C ALA C 249 -27.79 -29.57 -18.56
N GLN C 250 -27.38 -30.81 -18.83
CA GLN C 250 -26.22 -31.39 -18.17
C GLN C 250 -24.94 -30.95 -18.88
N GLY C 251 -23.89 -30.72 -18.09
CA GLY C 251 -22.64 -30.16 -18.62
C GLY C 251 -21.31 -30.90 -18.53
N GLY C 252 -21.30 -32.16 -18.10
CA GLY C 252 -20.03 -32.88 -17.97
C GLY C 252 -19.18 -32.43 -16.78
N ALA C 253 -18.20 -33.25 -16.42
CA ALA C 253 -17.40 -33.09 -15.20
C ALA C 253 -16.18 -32.19 -15.36
N ILE C 254 -15.97 -31.31 -14.39
CA ILE C 254 -14.90 -30.32 -14.41
C ILE C 254 -14.05 -30.52 -13.17
N VAL C 255 -12.74 -30.73 -13.37
CA VAL C 255 -11.81 -30.78 -12.24
C VAL C 255 -11.65 -29.37 -11.69
N ASP C 256 -12.14 -29.14 -10.48
CA ASP C 256 -12.14 -27.82 -9.87
C ASP C 256 -12.07 -27.98 -8.36
N ASP C 257 -12.07 -26.85 -7.66
CA ASP C 257 -11.97 -26.87 -6.20
C ASP C 257 -13.11 -27.65 -5.55
N HIS C 258 -14.30 -27.63 -6.14
CA HIS C 258 -15.46 -28.24 -5.51
C HIS C 258 -15.31 -29.75 -5.43
N GLN C 259 -14.57 -30.33 -6.37
CA GLN C 259 -14.30 -31.76 -6.38
C GLN C 259 -13.50 -32.18 -5.15
N TYR C 260 -12.48 -31.41 -4.80
CA TYR C 260 -11.63 -31.75 -3.67
C TYR C 260 -12.26 -31.43 -2.33
N VAL C 261 -13.29 -30.57 -2.31
CA VAL C 261 -14.01 -30.36 -1.07
C VAL C 261 -14.95 -31.52 -0.81
N ILE C 262 -15.57 -32.06 -1.86
CA ILE C 262 -16.39 -33.26 -1.73
C ILE C 262 -15.54 -34.45 -1.27
N GLN C 263 -14.43 -34.68 -1.97
CA GLN C 263 -13.56 -35.81 -1.63
C GLN C 263 -13.09 -35.70 -0.18
N GLY C 264 -12.71 -34.50 0.25
CA GLY C 264 -12.13 -34.29 1.57
C GLY C 264 -13.13 -34.15 2.72
N LEU C 265 -14.25 -33.45 2.51
CA LEU C 265 -15.23 -33.24 3.57
C LEU C 265 -16.48 -34.08 3.43
N ARG C 266 -16.66 -34.78 2.30
CA ARG C 266 -17.87 -35.54 2.02
C ARG C 266 -19.13 -34.67 2.10
N THR C 267 -18.98 -33.32 1.86
CA THR C 267 -19.99 -32.26 1.80
C THR C 267 -20.42 -32.02 0.37
N PRO C 268 -21.72 -31.95 0.08
CA PRO C 268 -22.17 -31.70 -1.30
C PRO C 268 -21.76 -30.32 -1.79
N CYS C 269 -21.06 -30.28 -2.92
CA CYS C 269 -20.59 -29.04 -3.51
C CYS C 269 -20.95 -29.00 -4.98
N LEU C 270 -21.35 -27.81 -5.44
CA LEU C 270 -21.65 -27.60 -6.84
C LEU C 270 -20.77 -26.48 -7.37
N ASP C 271 -20.54 -26.52 -8.67
CA ASP C 271 -19.70 -25.55 -9.37
C ASP C 271 -20.59 -24.82 -10.37
N ILE C 272 -20.69 -23.50 -10.19
CA ILE C 272 -21.33 -22.59 -11.14
C ILE C 272 -20.18 -22.04 -11.98
N ILE C 273 -20.05 -22.53 -13.21
CA ILE C 273 -18.86 -22.27 -14.05
C ILE C 273 -19.30 -22.15 -15.50
N ASN C 274 -18.64 -21.28 -16.24
CA ASN C 274 -18.94 -21.10 -17.68
C ASN C 274 -18.73 -22.41 -18.45
N TYR C 275 -19.68 -22.73 -19.31
CA TYR C 275 -19.57 -23.79 -20.30
C TYR C 275 -19.62 -23.12 -21.66
N ASP C 276 -18.62 -23.39 -22.50
CA ASP C 276 -18.58 -22.81 -23.83
C ASP C 276 -18.75 -23.89 -24.90
N PRO C 277 -19.84 -23.90 -25.66
CA PRO C 277 -20.04 -24.98 -26.64
C PRO C 277 -19.24 -24.87 -27.93
N ASP C 278 -18.58 -23.74 -28.20
CA ASP C 278 -17.87 -23.55 -29.46
C ASP C 278 -16.35 -23.76 -29.37
N THR C 279 -15.80 -23.97 -28.17
CA THR C 279 -14.36 -24.11 -27.99
C THR C 279 -13.97 -25.54 -27.62
N GLN C 280 -12.69 -25.84 -27.88
CA GLN C 280 -12.10 -27.14 -27.56
C GLN C 280 -11.97 -27.39 -26.07
N SER C 281 -11.71 -26.34 -25.29
CA SER C 281 -11.49 -26.44 -23.85
C SER C 281 -12.79 -26.50 -23.06
N GLY C 282 -13.90 -26.06 -23.64
CA GLY C 282 -15.13 -25.92 -22.88
C GLY C 282 -15.25 -24.58 -22.18
N PHE C 283 -14.25 -23.72 -22.32
CA PHE C 283 -14.27 -22.41 -21.72
C PHE C 283 -14.20 -21.35 -22.80
N GLY C 284 -14.41 -20.10 -22.41
CA GLY C 284 -14.36 -18.95 -23.29
C GLY C 284 -13.04 -18.80 -24.02
N PRO C 285 -13.05 -18.14 -25.19
CA PRO C 285 -11.82 -18.00 -25.98
C PRO C 285 -10.69 -17.28 -25.25
N TYR C 286 -10.98 -16.59 -24.15
CA TYR C 286 -9.98 -15.88 -23.38
C TYR C 286 -9.25 -16.80 -22.41
N TRP C 287 -9.76 -18.01 -22.22
CA TRP C 287 -9.27 -18.89 -21.16
C TRP C 287 -7.79 -19.18 -21.33
N HIS C 288 -7.02 -18.93 -20.25
CA HIS C 288 -5.60 -19.23 -20.24
C HIS C 288 -4.87 -18.61 -21.43
N THR C 289 -5.35 -17.45 -21.87
CA THR C 289 -4.65 -16.55 -22.77
C THR C 289 -4.43 -15.25 -22.03
N GLN C 290 -3.75 -14.31 -22.67
CA GLN C 290 -3.65 -13.00 -22.09
C GLN C 290 -4.90 -12.15 -22.33
N ASN C 291 -5.94 -12.71 -22.96
CA ASN C 291 -7.22 -12.05 -23.18
C ASN C 291 -8.15 -12.11 -21.96
N ASP C 292 -7.74 -12.76 -20.89
CA ASP C 292 -8.57 -12.82 -19.70
C ASP C 292 -8.42 -11.52 -18.91
N THR C 293 -9.02 -10.46 -19.45
CA THR C 293 -8.95 -9.10 -18.93
C THR C 293 -10.37 -8.63 -18.58
N MET C 294 -10.47 -7.37 -18.13
CA MET C 294 -11.77 -6.79 -17.87
C MET C 294 -12.64 -6.73 -19.13
N GLU C 295 -12.03 -6.85 -20.31
CA GLU C 295 -12.77 -6.71 -21.58
C GLU C 295 -13.91 -7.70 -21.71
N ASN C 296 -13.85 -8.83 -21.02
CA ASN C 296 -14.87 -9.85 -21.16
C ASN C 296 -15.89 -9.87 -20.04
N ILE C 297 -15.65 -9.14 -18.96
CA ILE C 297 -16.53 -9.15 -17.81
C ILE C 297 -17.80 -8.35 -18.12
N ASP C 298 -18.94 -8.92 -17.78
CA ASP C 298 -20.25 -8.32 -18.02
C ASP C 298 -20.90 -8.17 -16.67
N ARG C 299 -21.18 -6.91 -16.27
CA ARG C 299 -21.87 -6.68 -15.00
C ARG C 299 -23.19 -7.45 -14.95
N GLU C 300 -23.82 -7.61 -16.11
CA GLU C 300 -25.09 -8.33 -16.22
C GLU C 300 -24.93 -9.80 -15.88
N THR C 301 -23.83 -10.44 -16.32
CA THR C 301 -23.52 -11.79 -15.86
C THR C 301 -23.29 -11.83 -14.35
N LEU C 302 -22.50 -10.90 -13.81
CA LEU C 302 -22.27 -10.85 -12.36
C LEU C 302 -23.58 -10.66 -11.60
N LYS C 303 -24.46 -9.79 -12.09
CA LYS C 303 -25.73 -9.52 -11.42
C LYS C 303 -26.58 -10.77 -11.32
N ALA C 304 -26.70 -11.52 -12.42
CA ALA C 304 -27.49 -12.74 -12.44
C ALA C 304 -27.03 -13.70 -11.36
N VAL C 305 -25.72 -13.98 -11.33
CA VAL C 305 -25.16 -14.94 -10.39
C VAL C 305 -25.30 -14.42 -8.96
N GLY C 306 -24.96 -13.14 -8.75
CA GLY C 306 -25.00 -12.57 -7.41
C GLY C 306 -26.42 -12.55 -6.85
N GLU C 307 -27.39 -12.14 -7.66
CA GLU C 307 -28.78 -12.21 -7.23
C GLU C 307 -29.17 -13.63 -6.90
N THR C 308 -28.66 -14.60 -7.68
CA THR C 308 -28.99 -16.00 -7.46
C THR C 308 -28.45 -16.48 -6.12
N ILE C 309 -27.17 -16.19 -5.86
CA ILE C 309 -26.55 -16.66 -4.62
C ILE C 309 -27.24 -16.02 -3.42
N LEU C 310 -27.48 -14.71 -3.49
CA LEU C 310 -28.17 -14.01 -2.41
C LEU C 310 -29.54 -14.60 -2.16
N ASN C 311 -30.32 -14.83 -3.24
CA ASN C 311 -31.65 -15.40 -3.08
C ASN C 311 -31.58 -16.78 -2.42
N VAL C 312 -30.60 -17.60 -2.84
CA VAL C 312 -30.45 -18.94 -2.27
C VAL C 312 -30.03 -18.85 -0.81
N ILE C 313 -29.13 -17.92 -0.49
CA ILE C 313 -28.60 -17.86 0.88
C ILE C 313 -29.70 -17.41 1.83
N TYR C 314 -30.48 -16.40 1.43
CA TYR C 314 -31.52 -15.83 2.27
C TYR C 314 -32.78 -16.67 2.34
N ASN C 315 -32.96 -17.62 1.42
CA ASN C 315 -34.10 -18.52 1.49
C ASN C 315 -33.76 -19.79 2.28
N GLU C 316 -32.53 -19.92 2.74
CA GLU C 316 -32.17 -21.02 3.62
C GLU C 316 -32.65 -20.72 5.03
N LYS C 317 -33.17 -21.73 5.71
CA LYS C 317 -33.54 -21.57 7.10
C LYS C 317 -32.75 -22.52 7.99
N PRO D 27 -6.57 -1.28 30.93
CA PRO D 27 -7.69 -2.07 31.42
C PRO D 27 -7.25 -2.96 32.56
N THR D 28 -8.17 -3.63 33.22
CA THR D 28 -7.81 -4.48 34.35
C THR D 28 -7.77 -5.93 33.90
N PHE D 29 -6.70 -6.63 34.23
CA PHE D 29 -6.53 -8.02 33.82
C PHE D 29 -7.29 -8.92 34.80
N ASN D 30 -8.22 -9.72 34.28
CA ASN D 30 -9.03 -10.63 35.10
C ASN D 30 -8.33 -11.98 35.22
N ALA D 31 -7.68 -12.22 36.36
CA ALA D 31 -6.96 -13.47 36.60
C ALA D 31 -7.87 -14.68 36.63
N ASP D 32 -9.11 -14.54 37.09
CA ASP D 32 -10.06 -15.64 37.03
C ASP D 32 -10.32 -16.03 35.58
N SER D 33 -10.35 -15.04 34.70
CA SER D 33 -10.50 -15.32 33.28
C SER D 33 -9.25 -16.04 32.74
N ALA D 34 -8.06 -15.54 33.10
CA ALA D 34 -6.82 -16.18 32.66
C ALA D 34 -6.69 -17.61 33.20
N TYR D 35 -7.07 -17.82 34.47
CA TYR D 35 -7.05 -19.18 35.03
C TYR D 35 -8.00 -20.10 34.31
N ALA D 36 -9.20 -19.61 33.97
CA ALA D 36 -10.18 -20.41 33.24
C ALA D 36 -9.68 -20.77 31.84
N TYR D 37 -8.90 -19.89 31.21
CA TYR D 37 -8.29 -20.20 29.91
C TYR D 37 -7.25 -21.33 30.02
N ILE D 38 -6.46 -21.33 31.08
CA ILE D 38 -5.51 -22.43 31.33
C ILE D 38 -6.25 -23.76 31.48
N GLU D 39 -7.32 -23.77 32.27
CA GLU D 39 -8.06 -25.02 32.51
C GLU D 39 -8.64 -25.60 31.22
N ARG D 40 -9.07 -24.75 30.30
CA ARG D 40 -9.65 -25.28 29.06
C ARG D 40 -8.61 -25.99 28.21
N GLN D 41 -7.41 -25.43 28.12
CA GLN D 41 -6.34 -26.09 27.37
C GLN D 41 -6.07 -27.48 27.93
N VAL D 42 -5.85 -27.58 29.24
CA VAL D 42 -5.51 -28.84 29.87
C VAL D 42 -6.63 -29.88 29.70
N ALA D 43 -7.90 -29.44 29.69
CA ALA D 43 -9.03 -30.36 29.58
C ALA D 43 -9.14 -31.05 28.21
N PHE D 44 -8.49 -30.51 27.17
CA PHE D 44 -8.47 -31.23 25.92
C PHE D 44 -7.70 -32.55 26.02
N GLY D 45 -6.83 -32.68 27.04
CA GLY D 45 -5.77 -33.66 27.04
C GLY D 45 -4.48 -33.00 26.57
N PRO D 46 -3.35 -33.67 26.76
CA PRO D 46 -2.05 -33.06 26.40
C PRO D 46 -1.98 -32.73 24.92
N ARG D 47 -1.60 -31.49 24.61
CA ARG D 47 -1.59 -30.98 23.25
C ARG D 47 -0.29 -31.38 22.55
N VAL D 48 -0.11 -32.69 22.45
CA VAL D 48 1.09 -33.24 21.80
C VAL D 48 0.86 -33.23 20.30
N PRO D 49 1.80 -32.72 19.50
CA PRO D 49 1.60 -32.68 18.05
C PRO D 49 1.19 -34.04 17.50
N ASN D 50 0.25 -34.00 16.54
CA ASN D 50 -0.30 -35.16 15.85
C ASN D 50 -1.35 -35.89 16.68
N THR D 51 -1.86 -35.27 17.74
CA THR D 51 -2.90 -35.87 18.55
C THR D 51 -4.22 -35.14 18.35
N GLU D 52 -5.32 -35.78 18.76
CA GLU D 52 -6.62 -35.14 18.64
C GLU D 52 -6.71 -33.91 19.55
N ALA D 53 -6.20 -34.04 20.79
CA ALA D 53 -6.19 -32.93 21.74
C ALA D 53 -5.45 -31.72 21.18
N HIS D 54 -4.31 -31.95 20.51
CA HIS D 54 -3.58 -30.87 19.85
C HIS D 54 -4.45 -30.18 18.79
N GLN D 55 -5.14 -30.97 17.95
CA GLN D 55 -5.95 -30.38 16.91
C GLN D 55 -7.14 -29.65 17.52
N ARG D 56 -7.80 -30.26 18.50
CA ARG D 56 -8.92 -29.63 19.19
C ARG D 56 -8.51 -28.30 19.83
N CYS D 57 -7.34 -28.25 20.48
CA CYS D 57 -6.93 -27.02 21.15
C CYS D 57 -6.49 -25.95 20.16
N ALA D 58 -5.76 -26.30 19.11
CA ALA D 58 -5.48 -25.33 18.06
C ALA D 58 -6.76 -24.69 17.55
N ASP D 59 -7.78 -25.51 17.30
CA ASP D 59 -9.10 -25.01 16.86
C ASP D 59 -9.67 -24.03 17.88
N TYR D 60 -9.56 -24.38 19.17
CA TYR D 60 -10.08 -23.51 20.23
C TYR D 60 -9.28 -22.21 20.30
N LEU D 61 -7.94 -22.33 20.24
CA LEU D 61 -7.09 -21.15 20.37
C LEU D 61 -7.31 -20.17 19.22
N ALA D 62 -7.44 -20.68 17.99
CA ALA D 62 -7.76 -19.80 16.87
C ALA D 62 -9.11 -19.13 17.08
N GLY D 63 -10.10 -19.90 17.55
CA GLY D 63 -11.44 -19.34 17.76
C GLY D 63 -11.45 -18.18 18.75
N GLU D 64 -10.70 -18.33 19.84
CA GLU D 64 -10.63 -17.28 20.86
C GLU D 64 -10.05 -16.00 20.32
N LEU D 65 -8.98 -16.09 19.53
CA LEU D 65 -8.38 -14.91 18.95
C LEU D 65 -9.35 -14.22 17.99
N ASP D 66 -9.98 -14.99 17.11
CA ASP D 66 -10.94 -14.45 16.15
C ASP D 66 -12.18 -13.91 16.85
N ARG D 67 -12.67 -14.64 17.85
CA ARG D 67 -13.83 -14.22 18.60
C ARG D 67 -13.65 -12.82 19.20
N HIS D 68 -12.40 -12.45 19.50
CA HIS D 68 -12.10 -11.16 20.12
C HIS D 68 -11.48 -10.17 19.14
N GLY D 69 -11.83 -10.29 17.86
CA GLY D 69 -11.55 -9.24 16.88
C GLY D 69 -10.27 -9.38 16.09
N ALA D 70 -9.45 -10.40 16.35
CA ALA D 70 -8.20 -10.56 15.63
C ALA D 70 -8.39 -11.11 14.21
N LYS D 71 -7.50 -10.69 13.33
CA LYS D 71 -7.26 -11.43 12.10
C LYS D 71 -6.34 -12.58 12.45
N VAL D 72 -6.80 -13.80 12.25
CA VAL D 72 -6.08 -14.98 12.71
C VAL D 72 -5.35 -15.59 11.53
N TYR D 73 -4.09 -15.96 11.74
CA TYR D 73 -3.31 -16.74 10.80
C TYR D 73 -3.01 -18.08 11.44
N VAL D 74 -3.26 -19.15 10.72
CA VAL D 74 -2.84 -20.48 11.17
C VAL D 74 -1.84 -21.00 10.13
N GLN D 75 -0.58 -21.10 10.56
CA GLN D 75 0.47 -21.63 9.71
C GLN D 75 0.44 -23.14 9.83
N GLU D 76 0.08 -23.81 8.74
CA GLU D 76 0.17 -25.26 8.69
C GLU D 76 1.52 -25.54 8.06
N ALA D 77 2.44 -26.07 8.86
CA ALA D 77 3.81 -26.36 8.44
C ALA D 77 4.23 -27.69 9.03
N VAL D 78 5.03 -28.42 8.28
CA VAL D 78 5.51 -29.75 8.66
C VAL D 78 6.88 -29.59 9.33
N LEU D 79 6.95 -29.89 10.61
CA LEU D 79 8.22 -29.76 11.32
C LEU D 79 8.78 -31.13 11.68
N THR D 80 10.10 -31.24 11.64
CA THR D 80 10.79 -32.50 11.83
C THR D 80 11.48 -32.50 13.21
N ALA D 81 11.03 -33.42 14.07
CA ALA D 81 11.54 -33.58 15.42
C ALA D 81 12.92 -34.26 15.43
N TYR D 82 13.54 -34.25 16.62
CA TYR D 82 14.88 -34.81 16.75
C TYR D 82 14.92 -36.27 16.30
N ASN D 83 13.83 -37.02 16.50
CA ASN D 83 13.78 -38.42 16.13
C ASN D 83 13.16 -38.64 14.75
N GLY D 84 13.00 -37.60 13.95
CA GLY D 84 12.45 -37.78 12.63
C GLY D 84 10.95 -37.82 12.56
N GLU D 85 10.25 -37.75 13.70
CA GLU D 85 8.80 -37.67 13.63
C GLU D 85 8.42 -36.41 12.87
N LYS D 86 7.58 -36.56 11.85
CA LYS D 86 7.10 -35.44 11.07
C LYS D 86 5.85 -34.92 11.76
N LEU D 87 5.92 -33.69 12.28
CA LEU D 87 4.86 -33.10 13.07
C LEU D 87 4.03 -32.13 12.22
N LYS D 88 2.72 -32.29 12.27
CA LYS D 88 1.82 -31.34 11.63
C LYS D 88 1.61 -30.20 12.62
N ALA D 89 2.47 -29.19 12.52
CA ALA D 89 2.51 -28.09 13.48
C ALA D 89 1.69 -26.91 12.99
N GLN D 90 1.06 -26.21 13.94
CA GLN D 90 0.27 -25.02 13.68
C GLN D 90 0.65 -23.89 14.63
N ASN D 91 1.34 -22.88 14.10
CA ASN D 91 1.52 -21.60 14.77
C ASN D 91 0.30 -20.71 14.55
N ILE D 92 -0.26 -20.20 15.64
CA ILE D 92 -1.52 -19.46 15.61
C ILE D 92 -1.24 -17.99 15.94
N VAL D 93 -1.57 -17.12 14.98
CA VAL D 93 -1.27 -15.70 15.03
C VAL D 93 -2.58 -14.93 15.07
N GLY D 94 -2.71 -14.04 16.06
CA GLY D 94 -3.84 -13.12 16.11
C GLY D 94 -3.37 -11.69 15.95
N ALA D 95 -3.74 -11.05 14.86
CA ALA D 95 -3.27 -9.71 14.57
C ALA D 95 -4.35 -8.72 14.96
N PHE D 96 -4.04 -7.85 15.92
CA PHE D 96 -4.98 -6.88 16.46
C PHE D 96 -4.62 -5.49 15.95
N GLN D 97 -5.61 -4.75 15.49
CA GLN D 97 -5.42 -3.49 14.80
C GLN D 97 -4.31 -3.62 13.76
N PRO D 98 -4.46 -4.53 12.79
CA PRO D 98 -3.35 -4.82 11.87
C PRO D 98 -2.90 -3.63 11.02
N GLU D 99 -3.63 -2.51 11.00
CA GLU D 99 -3.20 -1.35 10.23
C GLU D 99 -2.07 -0.57 10.89
N LYS D 100 -1.87 -0.76 12.20
CA LYS D 100 -0.85 -0.03 12.95
C LYS D 100 0.55 -0.49 12.57
N SER D 101 1.44 0.46 12.26
CA SER D 101 2.79 0.08 11.86
C SER D 101 3.70 -0.16 13.06
N ARG D 102 3.44 0.53 14.18
CA ARG D 102 4.18 0.29 15.41
C ARG D 102 3.43 -0.76 16.19
N ARG D 103 4.07 -1.91 16.41
CA ARG D 103 3.40 -3.09 16.94
C ARG D 103 4.25 -3.71 18.04
N VAL D 104 3.60 -4.43 18.94
CA VAL D 104 4.34 -5.28 19.87
C VAL D 104 3.83 -6.71 19.70
N LEU D 105 4.79 -7.64 19.66
CA LEU D 105 4.53 -9.06 19.56
C LEU D 105 4.40 -9.67 20.95
N LEU D 106 3.33 -10.43 21.17
CA LEU D 106 3.14 -11.23 22.38
C LEU D 106 3.04 -12.69 21.97
N PHE D 107 3.89 -13.53 22.54
CA PHE D 107 3.91 -14.94 22.11
C PHE D 107 4.09 -15.91 23.27
N ALA D 108 3.77 -17.16 22.97
CA ALA D 108 3.79 -18.26 23.93
C ALA D 108 3.77 -19.55 23.15
N HIS D 109 4.29 -20.60 23.78
CA HIS D 109 4.19 -21.92 23.18
C HIS D 109 2.99 -22.64 23.78
N TRP D 110 2.27 -23.36 22.93
CA TRP D 110 1.01 -23.96 23.31
C TRP D 110 0.99 -25.49 23.23
N ASP D 111 2.02 -26.11 22.64
CA ASP D 111 2.08 -27.56 22.63
C ASP D 111 2.34 -28.07 24.05
N SER D 112 2.09 -29.36 24.22
CA SER D 112 2.44 -30.10 25.43
C SER D 112 3.59 -31.07 25.11
N ARG D 113 4.53 -31.17 26.05
CA ARG D 113 5.67 -32.05 25.88
C ARG D 113 5.23 -33.51 25.87
N PRO D 114 5.69 -34.33 24.91
CA PRO D 114 5.28 -35.73 24.89
C PRO D 114 5.92 -36.60 25.96
N TYR D 115 6.89 -36.09 26.70
CA TYR D 115 7.68 -36.89 27.63
C TYR D 115 7.71 -36.25 29.02
N ALA D 116 7.35 -37.03 30.03
CA ALA D 116 7.61 -36.63 31.41
C ALA D 116 9.02 -37.08 31.80
N ASP D 117 10.01 -36.59 31.06
CA ASP D 117 11.32 -37.23 31.10
C ASP D 117 12.10 -36.91 32.37
N HIS D 118 11.61 -35.99 33.19
CA HIS D 118 12.18 -35.74 34.51
C HIS D 118 11.30 -36.30 35.62
N ASP D 119 10.28 -37.07 35.26
CA ASP D 119 9.44 -37.69 36.28
C ASP D 119 10.28 -38.62 37.13
N THR D 120 9.92 -38.72 38.42
CA THR D 120 10.64 -39.63 39.31
C THR D 120 10.39 -41.08 38.96
N ASP D 121 9.24 -41.39 38.38
CA ASP D 121 8.93 -42.75 37.95
C ASP D 121 9.25 -42.85 36.47
N GLU D 122 10.21 -43.73 36.14
CA GLU D 122 10.64 -43.89 34.77
C GLU D 122 9.51 -44.34 33.85
N ALA D 123 8.51 -45.05 34.36
CA ALA D 123 7.39 -45.50 33.54
C ALA D 123 6.65 -44.36 32.88
N ASN D 124 6.80 -43.13 33.40
CA ASN D 124 6.15 -41.93 32.88
C ASN D 124 7.03 -41.14 31.93
N HIS D 125 8.30 -41.55 31.73
CA HIS D 125 9.21 -40.70 30.97
C HIS D 125 8.81 -40.57 29.51
N ARG D 126 8.00 -41.49 28.97
CA ARG D 126 7.52 -41.37 27.61
C ARG D 126 6.00 -41.13 27.55
N LYS D 127 5.42 -40.66 28.64
CA LYS D 127 4.02 -40.28 28.75
C LYS D 127 3.88 -38.77 28.70
N PRO D 128 2.89 -38.21 28.02
CA PRO D 128 2.78 -36.75 27.95
C PRO D 128 2.48 -36.15 29.32
N ILE D 129 2.70 -34.84 29.42
CA ILE D 129 2.33 -34.08 30.61
C ILE D 129 1.19 -33.13 30.26
N ASP D 130 0.44 -32.73 31.29
CA ASP D 130 -0.58 -31.71 31.08
C ASP D 130 0.04 -30.41 30.62
N GLY D 131 1.23 -30.10 31.13
CA GLY D 131 1.91 -28.89 30.74
C GLY D 131 1.05 -27.67 31.00
N ALA D 132 0.39 -27.64 32.16
CA ALA D 132 -0.47 -26.52 32.50
C ALA D 132 0.31 -25.23 32.63
N ASP D 133 1.40 -25.25 33.41
CA ASP D 133 2.20 -24.06 33.51
C ASP D 133 3.13 -23.93 32.32
N ASP D 134 3.64 -25.06 31.83
CA ASP D 134 4.58 -25.04 30.72
C ASP D 134 3.78 -25.22 29.42
N GLY D 135 3.31 -24.09 28.88
CA GLY D 135 2.38 -24.14 27.78
C GLY D 135 1.07 -23.43 28.07
N GLY D 136 0.27 -23.95 29.01
CA GLY D 136 -1.04 -23.37 29.27
C GLY D 136 -0.98 -21.98 29.88
N SER D 137 -0.04 -21.77 30.80
CA SER D 137 0.01 -20.53 31.58
C SER D 137 0.18 -19.29 30.70
N GLY D 138 1.15 -19.33 29.79
CA GLY D 138 1.40 -18.19 28.92
C GLY D 138 0.31 -17.96 27.89
N VAL D 139 -0.27 -19.05 27.38
CA VAL D 139 -1.35 -18.93 26.40
C VAL D 139 -2.59 -18.32 27.05
N GLY D 140 -2.97 -18.82 28.23
CA GLY D 140 -4.15 -18.34 28.93
C GLY D 140 -4.08 -16.87 29.29
N ILE D 141 -2.91 -16.40 29.72
CA ILE D 141 -2.72 -14.99 30.01
C ILE D 141 -2.97 -14.15 28.77
N LEU D 142 -2.40 -14.57 27.63
CA LEU D 142 -2.54 -13.79 26.40
C LEU D 142 -3.96 -13.81 25.84
N LEU D 143 -4.71 -14.88 26.09
CA LEU D 143 -6.11 -14.89 25.67
C LEU D 143 -6.93 -13.86 26.46
N GLU D 144 -6.62 -13.72 27.76
CA GLU D 144 -7.22 -12.68 28.58
C GLU D 144 -6.73 -11.28 28.17
N ILE D 145 -5.44 -11.16 27.81
CA ILE D 145 -4.94 -9.92 27.21
C ILE D 145 -5.73 -9.57 25.96
N ALA D 146 -5.94 -10.55 25.08
CA ALA D 146 -6.71 -10.34 23.85
C ALA D 146 -8.12 -9.85 24.15
N ARG D 147 -8.73 -10.37 25.22
CA ARG D 147 -10.07 -9.94 25.59
C ARG D 147 -10.08 -8.45 25.91
N GLN D 148 -9.12 -7.99 26.71
CA GLN D 148 -9.06 -6.58 27.07
C GLN D 148 -8.82 -5.72 25.83
N ILE D 149 -7.97 -6.17 24.89
CA ILE D 149 -7.68 -5.35 23.73
C ILE D 149 -8.80 -5.40 22.70
N GLN D 150 -9.71 -6.36 22.81
CA GLN D 150 -10.94 -6.23 22.05
C GLN D 150 -11.82 -5.11 22.61
N ALA D 151 -11.79 -4.91 23.93
CA ALA D 151 -12.68 -3.93 24.54
C ALA D 151 -12.17 -2.50 24.41
N LYS D 152 -10.85 -2.28 24.51
CA LYS D 152 -10.28 -0.93 24.42
C LYS D 152 -8.89 -1.05 23.80
N ALA D 153 -8.77 -0.72 22.52
CA ALA D 153 -7.53 -0.96 21.79
C ALA D 153 -6.40 -0.03 22.26
N PRO D 154 -5.21 -0.55 22.51
CA PRO D 154 -4.07 0.33 22.78
C PRO D 154 -3.64 1.11 21.53
N ALA D 155 -2.65 1.98 21.70
CA ALA D 155 -2.17 2.83 20.60
C ALA D 155 -1.43 2.05 19.54
N ILE D 156 -0.80 0.95 19.90
CA ILE D 156 0.04 0.17 19.01
C ILE D 156 -0.75 -1.03 18.51
N GLY D 157 -0.29 -1.58 17.39
CA GLY D 157 -0.80 -2.87 16.96
C GLY D 157 -0.26 -3.98 17.84
N ILE D 158 -1.04 -5.05 17.98
CA ILE D 158 -0.66 -6.18 18.82
C ILE D 158 -0.86 -7.46 18.03
N ASP D 159 0.19 -8.26 17.98
CA ASP D 159 0.13 -9.60 17.41
C ASP D 159 0.36 -10.60 18.52
N ILE D 160 -0.62 -11.45 18.78
CA ILE D 160 -0.48 -12.54 19.74
C ILE D 160 -0.24 -13.79 18.91
N VAL D 161 0.84 -14.50 19.21
CA VAL D 161 1.25 -15.65 18.41
C VAL D 161 1.42 -16.85 19.33
N PHE D 162 0.72 -17.93 19.01
CA PHE D 162 0.87 -19.19 19.73
C PHE D 162 1.73 -20.11 18.87
N PHE D 163 2.95 -20.36 19.32
CA PHE D 163 3.89 -21.18 18.58
C PHE D 163 3.74 -22.65 18.93
N ASP D 164 3.73 -23.49 17.92
CA ASP D 164 3.63 -24.93 18.11
C ASP D 164 5.02 -25.52 18.28
N ALA D 165 5.06 -26.78 18.74
CA ALA D 165 6.25 -27.62 18.65
C ALA D 165 7.49 -27.02 19.32
N GLU D 166 7.31 -26.31 20.45
CA GLU D 166 8.47 -25.82 21.18
C GLU D 166 9.12 -26.90 22.03
N ASP D 167 8.32 -27.83 22.53
CA ASP D 167 8.65 -28.71 23.64
C ASP D 167 8.79 -30.18 23.21
N TYR D 168 9.29 -30.41 21.99
CA TYR D 168 9.46 -31.76 21.45
C TYR D 168 10.94 -32.12 21.28
N GLY D 169 11.83 -31.53 22.11
CA GLY D 169 13.27 -31.73 21.98
C GLY D 169 13.75 -33.02 22.62
N THR D 170 15.05 -33.29 22.40
CA THR D 170 15.68 -34.52 22.83
C THR D 170 15.37 -34.84 24.30
N PRO D 171 14.82 -36.01 24.59
CA PRO D 171 14.52 -36.40 25.97
C PRO D 171 15.77 -36.83 26.71
N GLU D 172 15.62 -36.94 28.03
CA GLU D 172 16.72 -37.46 28.84
C GLU D 172 17.08 -38.88 28.42
N PHE D 173 16.08 -39.68 28.02
CA PHE D 173 16.35 -41.08 27.70
C PHE D 173 16.84 -41.28 26.27
N VAL D 174 17.23 -40.23 25.56
CA VAL D 174 17.89 -40.36 24.27
C VAL D 174 19.29 -39.80 24.40
N ASP D 175 20.30 -40.61 24.04
CA ASP D 175 21.69 -40.24 24.25
C ASP D 175 22.18 -39.30 23.16
N GLU D 176 21.58 -39.37 21.97
CA GLU D 176 22.09 -38.64 20.83
C GLU D 176 21.80 -37.14 20.97
N TYR D 177 22.83 -36.33 20.74
CA TYR D 177 22.72 -34.88 20.75
C TYR D 177 22.51 -34.34 19.35
N LYS D 178 21.57 -33.41 19.22
CA LYS D 178 21.31 -32.67 18.01
C LYS D 178 21.07 -31.22 18.39
N PRO D 179 21.52 -30.26 17.59
CA PRO D 179 21.16 -28.87 17.85
C PRO D 179 19.74 -28.58 17.38
N ASP D 180 19.16 -27.52 17.95
CA ASP D 180 17.95 -26.90 17.39
C ASP D 180 16.75 -27.85 17.41
N THR D 181 16.66 -28.73 18.40
CA THR D 181 15.53 -29.64 18.47
C THR D 181 14.33 -29.05 19.23
N TRP D 182 14.54 -27.97 19.99
CA TRP D 182 13.47 -27.23 20.65
C TRP D 182 12.98 -26.08 19.78
N CYS D 183 11.81 -25.54 20.14
CA CYS D 183 11.28 -24.33 19.53
C CYS D 183 11.18 -24.46 18.01
N LEU D 184 10.59 -25.56 17.55
CA LEU D 184 10.48 -25.77 16.10
C LEU D 184 9.56 -24.76 15.44
N GLY D 185 8.50 -24.34 16.13
CA GLY D 185 7.51 -23.44 15.52
C GLY D 185 8.03 -22.03 15.31
N SER D 186 8.70 -21.47 16.31
CA SER D 186 9.29 -20.14 16.16
C SER D 186 10.49 -20.17 15.19
N GLN D 187 11.18 -21.30 15.11
CA GLN D 187 12.25 -21.43 14.14
C GLN D 187 11.71 -21.35 12.72
N PHE D 188 10.61 -22.06 12.45
CA PHE D 188 9.96 -21.96 11.14
C PHE D 188 9.43 -20.56 10.90
N TRP D 189 8.70 -20.02 11.88
CA TRP D 189 8.05 -18.72 11.73
C TRP D 189 9.06 -17.59 11.60
N ALA D 190 10.14 -17.64 12.37
CA ALA D 190 11.12 -16.56 12.31
C ALA D 190 11.72 -16.45 10.92
N LYS D 191 11.82 -17.55 10.18
CA LYS D 191 12.29 -17.43 8.81
C LYS D 191 11.14 -17.31 7.82
N ASN D 192 9.95 -17.82 8.15
CA ASN D 192 8.75 -17.74 7.32
C ASN D 192 7.56 -17.16 8.08
N PRO D 193 7.59 -15.87 8.43
CA PRO D 193 6.49 -15.28 9.22
C PRO D 193 5.18 -15.17 8.44
N HIS D 194 4.08 -14.98 9.21
CA HIS D 194 2.74 -14.94 8.62
C HIS D 194 2.59 -13.83 7.60
N VAL D 195 3.35 -12.76 7.72
CA VAL D 195 3.40 -11.72 6.69
C VAL D 195 4.87 -11.58 6.30
N PRO D 196 5.19 -11.37 5.02
CA PRO D 196 6.60 -11.23 4.65
C PRO D 196 7.22 -10.01 5.33
N ASN D 197 8.52 -10.12 5.62
CA ASN D 197 9.27 -9.09 6.34
C ASN D 197 8.44 -8.53 7.48
N TYR D 198 8.08 -9.41 8.41
CA TYR D 198 7.30 -8.95 9.54
C TYR D 198 8.22 -8.15 10.45
N LYS D 199 7.67 -7.09 11.06
CA LYS D 199 8.44 -6.23 11.93
C LYS D 199 7.60 -5.80 13.12
N ALA D 200 8.21 -5.85 14.31
CA ALA D 200 7.59 -5.42 15.56
C ALA D 200 8.66 -4.65 16.31
N GLU D 201 8.25 -3.63 17.08
CA GLU D 201 9.24 -2.87 17.85
C GLU D 201 9.91 -3.76 18.89
N PHE D 202 9.12 -4.49 19.68
CA PHE D 202 9.72 -5.49 20.56
C PHE D 202 8.69 -6.58 20.80
N GLY D 203 9.16 -7.66 21.41
CA GLY D 203 8.32 -8.82 21.66
C GLY D 203 8.48 -9.33 23.07
N ILE D 204 7.41 -9.89 23.61
CA ILE D 204 7.41 -10.41 24.96
C ILE D 204 6.96 -11.86 24.89
N LEU D 205 7.80 -12.77 25.35
CA LEU D 205 7.45 -14.17 25.45
C LEU D 205 7.07 -14.49 26.89
N LEU D 206 5.98 -15.23 27.06
CA LEU D 206 5.52 -15.75 28.34
C LEU D 206 5.70 -17.25 28.33
N ASP D 207 6.44 -17.78 29.30
CA ASP D 207 6.70 -19.23 29.41
C ASP D 207 6.75 -19.58 30.88
N MET D 208 5.91 -20.50 31.33
CA MET D 208 5.85 -20.90 32.74
C MET D 208 5.62 -19.71 33.66
N VAL D 209 4.48 -19.05 33.48
CA VAL D 209 4.20 -17.82 34.20
C VAL D 209 2.95 -17.95 35.06
N GLY D 210 2.67 -19.15 35.57
CA GLY D 210 1.47 -19.32 36.38
C GLY D 210 1.58 -20.01 37.72
N SER D 211 2.78 -20.39 38.13
CA SER D 211 2.92 -21.24 39.31
C SER D 211 2.92 -20.44 40.61
N ARG D 212 2.46 -21.09 41.67
CA ARG D 212 2.66 -20.56 43.01
C ARG D 212 4.16 -20.55 43.29
N GLY D 213 4.66 -19.42 43.74
CA GLY D 213 6.09 -19.28 43.99
C GLY D 213 6.94 -18.99 42.78
N ALA D 214 6.32 -18.68 41.64
CA ALA D 214 7.07 -18.33 40.45
C ALA D 214 7.93 -17.10 40.70
N THR D 215 9.11 -17.07 40.10
CA THR D 215 10.00 -15.93 40.26
C THR D 215 10.55 -15.56 38.91
N PHE D 216 10.30 -14.34 38.46
CA PHE D 216 10.75 -13.91 37.14
C PHE D 216 11.98 -13.05 37.37
N TYR D 217 13.16 -13.67 37.22
CA TYR D 217 14.43 -12.99 37.18
C TYR D 217 14.65 -12.51 35.75
N LYS D 218 15.65 -11.65 35.57
CA LYS D 218 16.00 -11.14 34.25
C LYS D 218 16.78 -12.19 33.45
N GLU D 219 16.19 -12.61 32.33
CA GLU D 219 16.74 -13.66 31.49
C GLU D 219 17.92 -13.12 30.68
N SER D 220 18.91 -13.98 30.44
CA SER D 220 20.19 -13.49 29.88
C SER D 220 20.03 -12.99 28.46
N THR D 221 19.46 -13.81 27.58
CA THR D 221 19.20 -13.36 26.22
C THR D 221 18.30 -12.12 26.24
N SER D 222 17.37 -12.04 27.18
CA SER D 222 16.49 -10.88 27.28
C SER D 222 17.28 -9.61 27.64
N VAL D 223 18.14 -9.69 28.65
CA VAL D 223 18.96 -8.54 29.00
C VAL D 223 20.04 -8.30 27.95
N GLN D 224 20.58 -9.37 27.37
CA GLN D 224 21.63 -9.22 26.36
C GLN D 224 21.10 -8.56 25.09
N TYR D 225 19.87 -8.89 24.66
CA TYR D 225 19.37 -8.37 23.39
C TYR D 225 18.23 -7.36 23.48
N ALA D 226 17.59 -7.19 24.65
CA ALA D 226 16.45 -6.28 24.75
C ALA D 226 16.44 -5.58 26.10
N ALA D 227 17.62 -5.19 26.57
CA ALA D 227 17.78 -4.69 27.93
C ALA D 227 16.81 -3.54 28.23
N ARG D 228 16.63 -2.61 27.28
CA ARG D 228 15.74 -1.49 27.55
C ARG D 228 14.30 -1.96 27.73
N TYR D 229 13.92 -3.08 27.10
CA TYR D 229 12.54 -3.55 27.20
C TYR D 229 12.33 -4.41 28.43
N VAL D 230 13.33 -5.20 28.82
CA VAL D 230 13.30 -5.87 30.11
C VAL D 230 13.12 -4.87 31.23
N GLU D 231 13.87 -3.78 31.17
CA GLU D 231 13.82 -2.79 32.25
C GLU D 231 12.46 -2.10 32.33
N LYS D 232 11.86 -1.77 31.17
CA LYS D 232 10.52 -1.19 31.18
C LYS D 232 9.50 -2.14 31.80
N VAL D 233 9.55 -3.41 31.41
CA VAL D 233 8.61 -4.39 31.96
C VAL D 233 8.90 -4.64 33.42
N TRP D 234 10.17 -4.81 33.78
CA TRP D 234 10.51 -5.05 35.18
C TRP D 234 10.23 -3.83 36.04
N THR D 235 10.45 -2.63 35.48
CA THR D 235 10.11 -1.41 36.23
C THR D 235 8.60 -1.30 36.41
N ALA D 236 7.85 -1.47 35.33
CA ALA D 236 6.39 -1.40 35.41
C ALA D 236 5.85 -2.40 36.42
N ALA D 237 6.32 -3.64 36.37
CA ALA D 237 5.82 -4.64 37.31
C ALA D 237 6.12 -4.25 38.74
N ARG D 238 7.33 -3.76 38.99
CA ARG D 238 7.71 -3.43 40.35
C ARG D 238 6.85 -2.29 40.89
N GLU D 239 6.57 -1.28 40.04
CA GLU D 239 5.71 -0.16 40.40
C GLU D 239 4.32 -0.62 40.84
N LEU D 240 3.81 -1.69 40.23
CA LEU D 240 2.47 -2.20 40.45
C LEU D 240 2.34 -3.05 41.71
N GLY D 241 3.40 -3.22 42.49
CA GLY D 241 3.34 -4.04 43.68
C GLY D 241 3.71 -5.49 43.43
N TYR D 242 4.38 -5.77 42.31
CA TYR D 242 4.69 -7.12 41.89
C TYR D 242 6.19 -7.41 41.96
N GLY D 243 6.90 -6.75 42.88
CA GLY D 243 8.32 -7.00 43.05
C GLY D 243 8.64 -8.40 43.54
N LYS D 244 7.68 -9.06 44.19
CA LYS D 244 7.84 -10.44 44.62
C LYS D 244 7.91 -11.42 43.47
N TYR D 245 7.37 -11.05 42.31
CA TYR D 245 7.39 -11.86 41.09
C TYR D 245 8.51 -11.47 40.12
N PHE D 246 8.70 -10.18 39.86
CA PHE D 246 9.72 -9.70 38.91
C PHE D 246 10.97 -9.32 39.67
N ILE D 247 11.96 -10.23 39.71
CA ILE D 247 13.19 -10.06 40.48
C ILE D 247 14.23 -9.30 39.65
N ASN D 248 14.93 -8.35 40.28
CA ASN D 248 16.04 -7.65 39.63
C ASN D 248 17.34 -8.41 39.86
N ALA D 249 17.45 -9.53 39.17
CA ALA D 249 18.64 -10.34 39.23
C ALA D 249 18.59 -11.23 38.00
N GLN D 250 19.76 -11.67 37.57
CA GLN D 250 19.81 -12.58 36.44
C GLN D 250 19.60 -14.02 36.90
N GLY D 251 18.98 -14.81 36.04
CA GLY D 251 18.71 -16.19 36.35
C GLY D 251 19.50 -17.04 35.40
N GLY D 252 18.83 -17.96 34.70
CA GLY D 252 19.49 -18.79 33.71
C GLY D 252 19.44 -18.17 32.33
N ALA D 253 20.23 -18.73 31.41
CA ALA D 253 20.06 -18.48 29.99
C ALA D 253 19.14 -19.58 29.49
N ILE D 254 18.11 -19.22 28.74
CA ILE D 254 17.02 -20.13 28.43
C ILE D 254 16.89 -20.24 26.92
N VAL D 255 17.04 -21.46 26.39
CA VAL D 255 16.70 -21.68 24.98
C VAL D 255 15.18 -21.60 24.87
N ASP D 256 14.69 -20.55 24.22
CA ASP D 256 13.26 -20.33 24.15
C ASP D 256 12.97 -19.67 22.83
N ASP D 257 11.68 -19.53 22.54
CA ASP D 257 11.27 -19.04 21.24
C ASP D 257 11.90 -17.68 20.94
N HIS D 258 12.17 -16.89 21.98
CA HIS D 258 12.66 -15.53 21.75
C HIS D 258 14.08 -15.52 21.19
N GLN D 259 14.88 -16.53 21.53
CA GLN D 259 16.24 -16.64 21.00
C GLN D 259 16.20 -16.82 19.49
N TYR D 260 15.31 -17.67 19.01
CA TYR D 260 15.15 -17.88 17.59
C TYR D 260 14.40 -16.73 16.91
N VAL D 261 13.61 -15.97 17.67
CA VAL D 261 12.94 -14.80 17.09
C VAL D 261 13.93 -13.67 16.89
N ILE D 262 14.84 -13.48 17.86
CA ILE D 262 15.92 -12.50 17.72
C ILE D 262 16.80 -12.86 16.53
N GLN D 263 17.30 -14.10 16.51
CA GLN D 263 18.19 -14.55 15.47
C GLN D 263 17.55 -14.43 14.09
N GLY D 264 16.31 -14.87 13.96
CA GLY D 264 15.69 -14.92 12.66
C GLY D 264 15.08 -13.61 12.19
N LEU D 265 14.43 -12.88 13.09
CA LEU D 265 13.69 -11.67 12.74
C LEU D 265 14.34 -10.36 13.19
N ARG D 266 15.45 -10.41 13.93
CA ARG D 266 16.13 -9.20 14.40
C ARG D 266 15.19 -8.32 15.22
N THR D 267 14.17 -8.92 15.84
CA THR D 267 13.30 -8.22 16.79
C THR D 267 13.83 -8.44 18.20
N PRO D 268 14.12 -7.38 18.97
CA PRO D 268 14.56 -7.58 20.36
C PRO D 268 13.40 -8.08 21.22
N CYS D 269 13.60 -9.21 21.88
CA CYS D 269 12.56 -9.85 22.67
C CYS D 269 13.10 -10.22 24.05
N LEU D 270 12.22 -10.14 25.04
CA LEU D 270 12.51 -10.52 26.41
C LEU D 270 11.63 -11.71 26.78
N ASP D 271 12.11 -12.52 27.71
CA ASP D 271 11.40 -13.71 28.15
C ASP D 271 11.05 -13.54 29.62
N ILE D 272 9.74 -13.55 29.91
CA ILE D 272 9.22 -13.56 31.26
C ILE D 272 8.96 -15.02 31.60
N ILE D 273 9.84 -15.63 32.39
CA ILE D 273 9.77 -17.07 32.63
C ILE D 273 10.16 -17.37 34.07
N ASN D 274 9.47 -18.33 34.67
CA ASN D 274 9.79 -18.76 36.02
C ASN D 274 11.21 -19.29 36.09
N TYR D 275 11.98 -18.77 37.04
CA TYR D 275 13.30 -19.29 37.38
C TYR D 275 13.27 -19.84 38.79
N ASP D 276 13.69 -21.09 38.95
CA ASP D 276 13.80 -21.68 40.27
C ASP D 276 15.28 -21.77 40.65
N PRO D 277 15.76 -21.02 41.64
CA PRO D 277 17.18 -21.10 41.98
C PRO D 277 17.55 -22.31 42.82
N ASP D 278 16.58 -23.03 43.36
CA ASP D 278 16.82 -24.13 44.27
C ASP D 278 16.80 -25.48 43.59
N THR D 279 16.49 -25.54 42.29
CA THR D 279 16.37 -26.81 41.58
C THR D 279 17.57 -27.01 40.65
N GLN D 280 17.82 -28.28 40.33
CA GLN D 280 18.90 -28.60 39.41
C GLN D 280 18.59 -28.16 37.98
N SER D 281 17.32 -28.19 37.58
CA SER D 281 16.97 -27.89 36.20
C SER D 281 16.93 -26.40 35.90
N GLY D 282 16.84 -25.56 36.92
CA GLY D 282 16.62 -24.14 36.76
C GLY D 282 15.16 -23.76 36.66
N PHE D 283 14.26 -24.73 36.66
CA PHE D 283 12.82 -24.54 36.66
C PHE D 283 12.22 -25.26 37.84
N GLY D 284 10.91 -25.06 38.04
CA GLY D 284 10.17 -25.65 39.11
C GLY D 284 10.32 -27.16 39.20
N PRO D 285 10.14 -27.72 40.41
CA PRO D 285 10.33 -29.17 40.57
C PRO D 285 9.36 -30.01 39.75
N TYR D 286 8.27 -29.43 39.26
CA TYR D 286 7.26 -30.12 38.46
C TYR D 286 7.63 -30.17 36.98
N TRP D 287 8.68 -29.45 36.57
CA TRP D 287 9.05 -29.30 35.16
C TRP D 287 9.32 -30.64 34.49
N HIS D 288 8.62 -30.86 33.37
CA HIS D 288 8.71 -32.08 32.58
C HIS D 288 8.41 -33.32 33.44
N THR D 289 7.52 -33.18 34.42
CA THR D 289 6.96 -34.33 35.13
C THR D 289 5.46 -34.34 34.89
N GLN D 290 4.81 -35.43 35.31
CA GLN D 290 3.35 -35.47 35.24
C GLN D 290 2.68 -34.68 36.36
N ASN D 291 3.46 -33.97 37.19
CA ASN D 291 2.95 -32.99 38.14
C ASN D 291 2.75 -31.59 37.57
N ASP D 292 3.05 -31.38 36.28
CA ASP D 292 2.82 -30.08 35.64
C ASP D 292 1.34 -30.03 35.28
N THR D 293 0.52 -29.81 36.31
CA THR D 293 -0.94 -29.87 36.28
C THR D 293 -1.51 -28.53 36.72
N MET D 294 -2.84 -28.46 36.73
CA MET D 294 -3.52 -27.27 37.24
C MET D 294 -3.18 -27.00 38.70
N GLU D 295 -2.71 -28.03 39.42
CA GLU D 295 -2.49 -27.94 40.87
C GLU D 295 -1.52 -26.82 41.25
N ASN D 296 -0.59 -26.45 40.37
CA ASN D 296 0.40 -25.46 40.74
C ASN D 296 0.08 -24.06 40.26
N ILE D 297 -0.93 -23.89 39.41
CA ILE D 297 -1.23 -22.58 38.86
C ILE D 297 -1.82 -21.67 39.93
N ASP D 298 -1.34 -20.43 39.99
CA ASP D 298 -1.66 -19.46 41.01
C ASP D 298 -2.20 -18.21 40.32
N ARG D 299 -3.44 -17.82 40.66
CA ARG D 299 -4.03 -16.60 40.09
C ARG D 299 -3.17 -15.38 40.36
N GLU D 300 -2.50 -15.34 41.51
CA GLU D 300 -1.64 -14.19 41.81
C GLU D 300 -0.51 -14.06 40.80
N THR D 301 0.12 -15.18 40.43
CA THR D 301 1.15 -15.17 39.39
C THR D 301 0.57 -14.71 38.05
N LEU D 302 -0.60 -15.24 37.68
CA LEU D 302 -1.25 -14.80 36.45
C LEU D 302 -1.55 -13.30 36.48
N LYS D 303 -2.07 -12.80 37.60
CA LYS D 303 -2.40 -11.38 37.73
C LYS D 303 -1.15 -10.50 37.62
N ALA D 304 -0.06 -10.87 38.30
CA ALA D 304 1.16 -10.10 38.27
C ALA D 304 1.68 -9.92 36.84
N VAL D 305 1.84 -11.04 36.12
CA VAL D 305 2.32 -11.00 34.75
C VAL D 305 1.30 -10.31 33.84
N GLY D 306 0.00 -10.59 34.06
CA GLY D 306 -1.00 -10.06 33.14
C GLY D 306 -1.14 -8.55 33.21
N GLU D 307 -1.29 -8.01 34.43
CA GLU D 307 -1.38 -6.56 34.61
C GLU D 307 -0.10 -5.88 34.14
N THR D 308 1.04 -6.54 34.36
CA THR D 308 2.32 -6.01 33.89
C THR D 308 2.34 -5.88 32.38
N ILE D 309 1.85 -6.89 31.66
CA ILE D 309 1.81 -6.77 30.20
C ILE D 309 0.83 -5.69 29.76
N LEU D 310 -0.36 -5.65 30.36
CA LEU D 310 -1.33 -4.61 30.01
C LEU D 310 -0.75 -3.21 30.24
N ASN D 311 -0.13 -3.00 31.40
CA ASN D 311 0.47 -1.69 31.70
C ASN D 311 1.51 -1.31 30.67
N VAL D 312 2.38 -2.26 30.30
CA VAL D 312 3.46 -1.97 29.36
C VAL D 312 2.90 -1.75 27.95
N ILE D 313 1.96 -2.58 27.50
CA ILE D 313 1.53 -2.46 26.11
C ILE D 313 0.64 -1.23 25.91
N TYR D 314 -0.18 -0.88 26.91
CA TYR D 314 -1.10 0.25 26.73
C TYR D 314 -0.44 1.62 26.80
N ASN D 315 0.75 1.74 27.38
CA ASN D 315 1.43 3.03 27.40
C ASN D 315 2.38 3.26 26.23
N GLU D 316 2.55 2.26 25.37
CA GLU D 316 3.41 2.45 24.19
C GLU D 316 2.70 3.29 23.14
N LYS D 317 3.47 4.14 22.47
CA LYS D 317 2.93 4.92 21.35
C LYS D 317 3.68 4.48 20.10
#